data_4ITD
# 
_entry.id   4ITD 
# 
_audit_conform.dict_name       mmcif_pdbx.dic 
_audit_conform.dict_version    5.388 
_audit_conform.dict_location   http://mmcif.pdb.org/dictionaries/ascii/mmcif_pdbx.dic 
# 
loop_
_database_2.database_id 
_database_2.database_code 
_database_2.pdbx_database_accession 
_database_2.pdbx_DOI 
PDB   4ITD         pdb_00004itd 10.2210/pdb4itd/pdb 
NDB   NA2222       ?            ?                   
RCSB  RCSB077184   ?            ?                   
WWPDB D_1000077184 ?            ?                   
# 
loop_
_pdbx_audit_revision_history.ordinal 
_pdbx_audit_revision_history.data_content_type 
_pdbx_audit_revision_history.major_revision 
_pdbx_audit_revision_history.minor_revision 
_pdbx_audit_revision_history.revision_date 
1 'Structure model' 1 0 2013-05-08 
2 'Structure model' 1 1 2014-03-19 
3 'Structure model' 1 2 2024-03-20 
# 
_pdbx_audit_revision_details.ordinal             1 
_pdbx_audit_revision_details.revision_ordinal    1 
_pdbx_audit_revision_details.data_content_type   'Structure model' 
_pdbx_audit_revision_details.provider            repository 
_pdbx_audit_revision_details.type                'Initial release' 
_pdbx_audit_revision_details.description         ? 
_pdbx_audit_revision_details.details             ? 
# 
loop_
_pdbx_audit_revision_group.ordinal 
_pdbx_audit_revision_group.revision_ordinal 
_pdbx_audit_revision_group.data_content_type 
_pdbx_audit_revision_group.group 
1 2 'Structure model' 'Database references'  
2 3 'Structure model' 'Data collection'      
3 3 'Structure model' 'Database references'  
4 3 'Structure model' 'Derived calculations' 
# 
loop_
_pdbx_audit_revision_category.ordinal 
_pdbx_audit_revision_category.revision_ordinal 
_pdbx_audit_revision_category.data_content_type 
_pdbx_audit_revision_category.category 
1 3 'Structure model' chem_comp_atom         
2 3 'Structure model' chem_comp_bond         
3 3 'Structure model' database_2             
4 3 'Structure model' pdbx_struct_conn_angle 
5 3 'Structure model' struct_conn            
6 3 'Structure model' struct_site            
# 
loop_
_pdbx_audit_revision_item.ordinal 
_pdbx_audit_revision_item.revision_ordinal 
_pdbx_audit_revision_item.data_content_type 
_pdbx_audit_revision_item.item 
1  3 'Structure model' '_database_2.pdbx_DOI'                      
2  3 'Structure model' '_database_2.pdbx_database_accession'       
3  3 'Structure model' '_pdbx_struct_conn_angle.ptnr1_auth_seq_id' 
4  3 'Structure model' '_pdbx_struct_conn_angle.ptnr3_auth_seq_id' 
5  3 'Structure model' '_pdbx_struct_conn_angle.value'             
6  3 'Structure model' '_struct_conn.pdbx_dist_value'              
7  3 'Structure model' '_struct_conn.pdbx_leaving_atom_flag'       
8  3 'Structure model' '_struct_conn.ptnr2_auth_seq_id'            
9  3 'Structure model' '_struct_site.pdbx_auth_asym_id'            
10 3 'Structure model' '_struct_site.pdbx_auth_comp_id'            
11 3 'Structure model' '_struct_site.pdbx_auth_seq_id'             
# 
_pdbx_database_status.entry_id                        4ITD 
_pdbx_database_status.status_code                     REL 
_pdbx_database_status.methods_development_category    ? 
_pdbx_database_status.deposit_site                    RCSB 
_pdbx_database_status.process_site                    PDBJ 
_pdbx_database_status.recvd_initial_deposition_date   2013-01-18 
_pdbx_database_status.status_code_sf                  REL 
_pdbx_database_status.status_code_mr                  ? 
_pdbx_database_status.SG_entry                        ? 
_pdbx_database_status.status_code_cs                  ? 
_pdbx_database_status.pdb_format_compatible           Y 
_pdbx_database_status.status_code_nmr_data            ? 
# 
_pdbx_database_related.db_name        PDB 
_pdbx_database_related.db_id          4IJ0 
_pdbx_database_related.details        . 
_pdbx_database_related.content_type   unspecified 
# 
loop_
_audit_author.name 
_audit_author.pdbx_ordinal 
'Zhang, F.'        1 
'Suzuki, K.'       2 
'Tsunoda, M.'      3 
'Wilkinson, O.'    4 
'Millington, C.L.' 5 
'Williams, D.M.'   6 
'Morishita, E.C.'  7 
'Takenaka, A.'     8 
# 
_citation.id                        primary 
_citation.title                     
;Structures of DNA duplexes containing O6-carboxymethylguanine, a lesion associated with gastrointestinal cancer, reveal a mechanism for inducing pyrimidine transition mutations
;
_citation.journal_abbrev            'Nucleic Acids Res.' 
_citation.journal_volume            41 
_citation.page_first                5524 
_citation.page_last                 5532 
_citation.year                      2013 
_citation.journal_id_ASTM           NARHAD 
_citation.country                   UK 
_citation.journal_id_ISSN           0305-1048 
_citation.journal_id_CSD            0389 
_citation.book_publisher            ? 
_citation.pdbx_database_id_PubMed   23580550 
_citation.pdbx_database_id_DOI      10.1093/nar/gkt198 
# 
loop_
_citation_author.citation_id 
_citation_author.name 
_citation_author.ordinal 
_citation_author.identifier_ORCID 
primary 'Zhang, F.'             1  ? 
primary 'Tsunoda, M.'           2  ? 
primary 'Suzuki, K.'            3  ? 
primary 'Kikuchi, Y.'           4  ? 
primary 'Wilkinson, O.'         5  ? 
primary 'Millington, C.L.'      6  ? 
primary 'Margison, G.P.'        7  ? 
primary 'Williams, D.M.'        8  ? 
primary 'Czarina Morishita, E.' 9  ? 
primary 'Takenaka, A.'          10 ? 
# 
loop_
_entity.id 
_entity.type 
_entity.src_method 
_entity.pdbx_description 
_entity.formula_weight 
_entity.pdbx_number_of_molecules 
_entity.pdbx_ec 
_entity.pdbx_mutation 
_entity.pdbx_fragment 
_entity.details 
1 polymer     syn 
;DNA (5'-D(*CP*GP*CP*GP*(C6G)P*AP*TP*TP*CP*GP*CP*G)-3')
;
3737.427 2  ? ? ? ? 
2 non-polymer syn 'MAGNESIUM ION'                                                         24.305   1  ? ? ? ? 
3 non-polymer syn "2'-(4-HYDROXYPHENYL)-5-(4-METHYL-1-PIPERAZINYL)-2,5'-BI-BENZIMIDAZOLE" 424.498  1  ? ? ? ? 
4 water       nat water                                                                   18.015   80 ? ? ? ? 
# 
_entity_poly.entity_id                      1 
_entity_poly.type                           polydeoxyribonucleotide 
_entity_poly.nstd_linkage                   no 
_entity_poly.nstd_monomer                   yes 
_entity_poly.pdbx_seq_one_letter_code       '(DC)(DG)(DC)(DG)(C6G)(DA)(DT)(DT)(DC)(DG)(DC)(DG)' 
_entity_poly.pdbx_seq_one_letter_code_can   CGCGXATTCGCG 
_entity_poly.pdbx_strand_id                 A,B 
_entity_poly.pdbx_target_identifier         ? 
# 
loop_
_pdbx_entity_nonpoly.entity_id 
_pdbx_entity_nonpoly.name 
_pdbx_entity_nonpoly.comp_id 
2 'MAGNESIUM ION'                                                         MG  
3 "2'-(4-HYDROXYPHENYL)-5-(4-METHYL-1-PIPERAZINYL)-2,5'-BI-BENZIMIDAZOLE" HT  
4 water                                                                   HOH 
# 
loop_
_entity_poly_seq.entity_id 
_entity_poly_seq.num 
_entity_poly_seq.mon_id 
_entity_poly_seq.hetero 
1 1  DC  n 
1 2  DG  n 
1 3  DC  n 
1 4  DG  n 
1 5  C6G n 
1 6  DA  n 
1 7  DT  n 
1 8  DT  n 
1 9  DC  n 
1 10 DG  n 
1 11 DC  n 
1 12 DG  n 
# 
loop_
_chem_comp.id 
_chem_comp.type 
_chem_comp.mon_nstd_flag 
_chem_comp.name 
_chem_comp.pdbx_synonyms 
_chem_comp.formula 
_chem_comp.formula_weight 
C6G 'DNA linking' n '6-(carboxymethoxy)-9-(2-deoxy-5-O-phosphono-beta-D-erythro-pentofuranosyl)-9H-purin-2-amine' ?               
'C12 H16 N5 O9 P' 405.257 
DA  'DNA linking' y "2'-DEOXYADENOSINE-5'-MONOPHOSPHATE"                                                          ?               
'C10 H14 N5 O6 P' 331.222 
DC  'DNA linking' y "2'-DEOXYCYTIDINE-5'-MONOPHOSPHATE"                                                           ?               
'C9 H14 N3 O7 P'  307.197 
DG  'DNA linking' y "2'-DEOXYGUANOSINE-5'-MONOPHOSPHATE"                                                          ?               
'C10 H14 N5 O7 P' 347.221 
DT  'DNA linking' y "THYMIDINE-5'-MONOPHOSPHATE"                                                                  ?               
'C10 H15 N2 O8 P' 322.208 
HOH non-polymer   . WATER                                                                                         ?               
'H2 O'            18.015  
HT  non-polymer   . "2'-(4-HYDROXYPHENYL)-5-(4-METHYL-1-PIPERAZINYL)-2,5'-BI-BENZIMIDAZOLE"                       'HOECHST 33258' 
'C25 H24 N6 O'    424.498 
MG  non-polymer   . 'MAGNESIUM ION'                                                                               ?               
'Mg 2'            24.305  
# 
loop_
_pdbx_poly_seq_scheme.asym_id 
_pdbx_poly_seq_scheme.entity_id 
_pdbx_poly_seq_scheme.seq_id 
_pdbx_poly_seq_scheme.mon_id 
_pdbx_poly_seq_scheme.ndb_seq_num 
_pdbx_poly_seq_scheme.pdb_seq_num 
_pdbx_poly_seq_scheme.auth_seq_num 
_pdbx_poly_seq_scheme.pdb_mon_id 
_pdbx_poly_seq_scheme.auth_mon_id 
_pdbx_poly_seq_scheme.pdb_strand_id 
_pdbx_poly_seq_scheme.pdb_ins_code 
_pdbx_poly_seq_scheme.hetero 
A 1 1  DC  1  1  1  DC  DC  A . n 
A 1 2  DG  2  2  2  DG  DG  A . n 
A 1 3  DC  3  3  3  DC  DC  A . n 
A 1 4  DG  4  4  4  DG  DG  A . n 
A 1 5  C6G 5  5  5  C6G C6G A . n 
A 1 6  DA  6  6  6  DA  DA  A . n 
A 1 7  DT  7  7  7  DT  DT  A . n 
A 1 8  DT  8  8  8  DT  DT  A . n 
A 1 9  DC  9  9  9  DC  DC  A . n 
A 1 10 DG  10 10 10 DG  DG  A . n 
A 1 11 DC  11 11 11 DC  DC  A . n 
A 1 12 DG  12 12 12 DG  DG  A . n 
B 1 1  DC  1  13 13 DC  DC  B . n 
B 1 2  DG  2  14 14 DG  DG  B . n 
B 1 3  DC  3  15 15 DC  DC  B . n 
B 1 4  DG  4  16 16 DG  DG  B . n 
B 1 5  C6G 5  17 17 C6G C6G B . n 
B 1 6  DA  6  18 18 DA  DA  B . n 
B 1 7  DT  7  19 19 DT  DT  B . n 
B 1 8  DT  8  20 20 DT  DT  B . n 
B 1 9  DC  9  21 21 DC  DC  B . n 
B 1 10 DG  10 22 22 DG  DG  B . n 
B 1 11 DC  11 23 23 DC  DC  B . n 
B 1 12 DG  12 24 24 DG  DG  B . n 
# 
loop_
_pdbx_nonpoly_scheme.asym_id 
_pdbx_nonpoly_scheme.entity_id 
_pdbx_nonpoly_scheme.mon_id 
_pdbx_nonpoly_scheme.ndb_seq_num 
_pdbx_nonpoly_scheme.pdb_seq_num 
_pdbx_nonpoly_scheme.auth_seq_num 
_pdbx_nonpoly_scheme.pdb_mon_id 
_pdbx_nonpoly_scheme.auth_mon_id 
_pdbx_nonpoly_scheme.pdb_strand_id 
_pdbx_nonpoly_scheme.pdb_ins_code 
C 2 MG  1  101 1   MG  MG  A . 
D 3 HT  1  102 59  HT  HT  A . 
E 4 HOH 1  201 8   HOH HOH A . 
E 4 HOH 2  202 14  HOH HOH A . 
E 4 HOH 3  203 18  HOH HOH A . 
E 4 HOH 4  204 25  HOH HOH A . 
E 4 HOH 5  205 26  HOH HOH A . 
E 4 HOH 6  206 27  HOH HOH A . 
E 4 HOH 7  207 28  HOH HOH A . 
E 4 HOH 8  208 36  HOH HOH A . 
E 4 HOH 9  209 40  HOH HOH A . 
E 4 HOH 10 210 54  HOH HOH A . 
E 4 HOH 11 211 57  HOH HOH A . 
E 4 HOH 12 212 62  HOH HOH A . 
E 4 HOH 13 213 63  HOH HOH A . 
E 4 HOH 14 214 67  HOH HOH A . 
E 4 HOH 15 215 68  HOH HOH A . 
E 4 HOH 16 216 72  HOH HOH A . 
E 4 HOH 17 217 73  HOH HOH A . 
E 4 HOH 18 218 75  HOH HOH A . 
E 4 HOH 19 219 83  HOH HOH A . 
E 4 HOH 20 220 84  HOH HOH A . 
E 4 HOH 21 221 89  HOH HOH A . 
E 4 HOH 22 222 90  HOH HOH A . 
E 4 HOH 23 223 95  HOH HOH A . 
E 4 HOH 24 224 101 HOH HOH A . 
E 4 HOH 25 225 102 HOH HOH A . 
E 4 HOH 26 226 104 HOH HOH A . 
E 4 HOH 27 227 111 HOH HOH A . 
E 4 HOH 28 228 112 HOH HOH A . 
E 4 HOH 29 229 115 HOH HOH A . 
E 4 HOH 30 230 4   HOH HOH A . 
E 4 HOH 31 231 8   HOH HOH A . 
E 4 HOH 32 232 9   HOH HOH A . 
E 4 HOH 33 233 10  HOH HOH A . 
E 4 HOH 34 234 11  HOH HOH A . 
E 4 HOH 35 235 2   HOH HOH A . 
E 4 HOH 36 236 15  HOH HOH A . 
E 4 HOH 37 237 33  HOH HOH A . 
E 4 HOH 38 238 46  HOH HOH A . 
E 4 HOH 39 239 52  HOH HOH A . 
E 4 HOH 40 240 93  HOH HOH A . 
F 4 HOH 1  201 3   HOH HOH B . 
F 4 HOH 2  202 4   HOH HOH B . 
F 4 HOH 3  203 5   HOH HOH B . 
F 4 HOH 4  204 7   HOH HOH B . 
F 4 HOH 5  205 12  HOH HOH B . 
F 4 HOH 6  206 13  HOH HOH B . 
F 4 HOH 7  207 16  HOH HOH B . 
F 4 HOH 8  208 20  HOH HOH B . 
F 4 HOH 9  209 21  HOH HOH B . 
F 4 HOH 10 210 30  HOH HOH B . 
F 4 HOH 11 211 34  HOH HOH B . 
F 4 HOH 12 212 38  HOH HOH B . 
F 4 HOH 13 213 42  HOH HOH B . 
F 4 HOH 14 214 44  HOH HOH B . 
F 4 HOH 15 215 45  HOH HOH B . 
F 4 HOH 16 216 47  HOH HOH B . 
F 4 HOH 17 217 49  HOH HOH B . 
F 4 HOH 18 218 53  HOH HOH B . 
F 4 HOH 19 219 61  HOH HOH B . 
F 4 HOH 20 220 64  HOH HOH B . 
F 4 HOH 21 221 65  HOH HOH B . 
F 4 HOH 22 222 69  HOH HOH B . 
F 4 HOH 23 223 70  HOH HOH B . 
F 4 HOH 24 224 71  HOH HOH B . 
F 4 HOH 25 225 74  HOH HOH B . 
F 4 HOH 26 226 78  HOH HOH B . 
F 4 HOH 27 227 79  HOH HOH B . 
F 4 HOH 28 228 80  HOH HOH B . 
F 4 HOH 29 229 82  HOH HOH B . 
F 4 HOH 30 230 87  HOH HOH B . 
F 4 HOH 31 231 96  HOH HOH B . 
F 4 HOH 32 232 98  HOH HOH B . 
F 4 HOH 33 233 99  HOH HOH B . 
F 4 HOH 34 234 100 HOH HOH B . 
F 4 HOH 35 235 108 HOH HOH B . 
F 4 HOH 36 236 1   HOH HOH B . 
F 4 HOH 37 237 5   HOH HOH B . 
F 4 HOH 38 238 6   HOH HOH B . 
F 4 HOH 39 239 12  HOH HOH B . 
F 4 HOH 40 240 13  HOH HOH B . 
# 
loop_
_software.pdbx_ordinal 
_software.name 
_software.version 
_software.date 
_software.type 
_software.contact_author 
_software.contact_author_email 
_software.classification 
_software.location 
_software.language 
_software.citation_id 
1 SCALEPACK   .    ?                program 'Zbyszek Otwinowski' hkl@hkl-xray.com         'data scaling'    
http://www.hkl-xray.com/                     ?          ? 
2 REFMAC      .    ?                program 'Garib N. Murshudov' garib@ysbl.york.ac.uk    refinement        
http://www.ccp4.ac.uk/dist/html/refmac5.html Fortran_77 ? 
3 PDB_EXTRACT 3.11 'April 22, 2011' package PDB                  deposit@deposit.rcsb.org 'data extraction' 
http://sw-tools.pdb.org/apps/PDB_EXTRACT/    C++        ? 
# 
_cell.entry_id           4ITD 
_cell.length_a           25.051 
_cell.length_b           40.404 
_cell.length_c           65.667 
_cell.angle_alpha        90.00 
_cell.angle_beta         90.00 
_cell.angle_gamma        90.00 
_cell.Z_PDB              8 
_cell.pdbx_unique_axis   ? 
_cell.length_a_esd       ? 
_cell.length_b_esd       ? 
_cell.length_c_esd       ? 
_cell.angle_alpha_esd    ? 
_cell.angle_beta_esd     ? 
_cell.angle_gamma_esd    ? 
# 
_symmetry.entry_id                         4ITD 
_symmetry.space_group_name_H-M             'P 21 21 21' 
_symmetry.pdbx_full_space_group_name_H-M   ? 
_symmetry.cell_setting                     ? 
_symmetry.Int_Tables_number                19 
_symmetry.space_group_name_Hall            ? 
# 
_exptl.entry_id          4ITD 
_exptl.method            'X-RAY DIFFRACTION' 
_exptl.crystals_number   1 
# 
_exptl_crystal.id                    1 
_exptl_crystal.density_meas          ? 
_exptl_crystal.density_Matthews      2.22 
_exptl_crystal.density_percent_sol   44.67 
_exptl_crystal.description           ? 
_exptl_crystal.F_000                 ? 
_exptl_crystal.preparation           ? 
# 
_exptl_crystal_grow.crystal_id      1 
_exptl_crystal_grow.method          'VAPOR DIFFUSION, HANGING DROP' 
_exptl_crystal_grow.temp            277 
_exptl_crystal_grow.temp_details    ? 
_exptl_crystal_grow.pH              7.0 
_exptl_crystal_grow.pdbx_pH_range   ? 
_exptl_crystal_grow.pdbx_details    
;10%(v/v)MPD, 12mM spermine 4HCL, 80mM NaCL, 12mM KCL, 20mM MgCL2, 40mM Na cacodylate(pH7.0), 1mM Hoechst 33258, 1mM DNA, vapor diffusion, hanging drop, temperature 277K
;
# 
_diffrn.id                     1 
_diffrn.ambient_temp           100 
_diffrn.ambient_temp_details   ? 
_diffrn.crystal_id             1 
# 
_diffrn_detector.diffrn_id              1 
_diffrn_detector.detector               CCD 
_diffrn_detector.type                   'ADSC QUANTUM 315r' 
_diffrn_detector.pdbx_collection_date   2011-03-06 
_diffrn_detector.details                ? 
# 
_diffrn_radiation.diffrn_id                        1 
_diffrn_radiation.wavelength_id                    1 
_diffrn_radiation.pdbx_monochromatic_or_laue_m_l   M 
_diffrn_radiation.monochromator                    ? 
_diffrn_radiation.pdbx_diffrn_protocol             'SINGLE WAVELENGTH' 
_diffrn_radiation.pdbx_scattering_type             x-ray 
# 
_diffrn_radiation_wavelength.id           1 
_diffrn_radiation_wavelength.wavelength   1.00 
_diffrn_radiation_wavelength.wt           1.0 
# 
_diffrn_source.diffrn_id                   1 
_diffrn_source.source                      SYNCHROTRON 
_diffrn_source.type                        'PHOTON FACTORY BEAMLINE BL-5A' 
_diffrn_source.pdbx_synchrotron_site       'Photon Factory' 
_diffrn_source.pdbx_synchrotron_beamline   BL-5A 
_diffrn_source.pdbx_wavelength             ? 
_diffrn_source.pdbx_wavelength_list        1.00 
# 
_reflns.pdbx_diffrn_id               1 
_reflns.pdbx_ordinal                 1 
_reflns.entry_id                     4ITD 
_reflns.observed_criterion_sigma_I   ? 
_reflns.observed_criterion_sigma_F   ? 
_reflns.d_resolution_low             50.000 
_reflns.d_resolution_high            1.940 
_reflns.number_obs                   4877 
_reflns.number_all                   ? 
_reflns.percent_possible_obs         91.000 
_reflns.pdbx_Rmerge_I_obs            0.057 
_reflns.pdbx_Rsym_value              ? 
_reflns.pdbx_netI_over_sigmaI        12.000 
_reflns.B_iso_Wilson_estimate        ? 
_reflns.pdbx_redundancy              5.700 
_reflns.R_free_details               ? 
_reflns.pdbx_chi_squared             ? 
_reflns.pdbx_scaling_rejects         ? 
# 
loop_
_reflns_shell.pdbx_diffrn_id 
_reflns_shell.pdbx_ordinal 
_reflns_shell.d_res_high 
_reflns_shell.d_res_low 
_reflns_shell.percent_possible_all 
_reflns_shell.Rmerge_I_obs 
_reflns_shell.pdbx_Rsym_value 
_reflns_shell.meanI_over_sigI_obs 
_reflns_shell.pdbx_redundancy 
_reflns_shell.percent_possible_obs 
_reflns_shell.number_unique_all 
_reflns_shell.number_measured_all 
_reflns_shell.number_measured_obs 
_reflns_shell.number_unique_obs 
_reflns_shell.pdbx_chi_squared 
1 1  1.940 1.970  33.700  ?     ? ? 1.400 ? ? ? ? ? ? 
1 2  1.970 2.010  52.600  ?     ? ? 1.800 ? ? ? ? ? ? 
1 3  2.010 2.050  69.300  ?     ? ? 2.400 ? ? ? ? ? ? 
1 4  2.050 2.090  77.800  ?     ? ? 3.000 ? ? ? ? ? ? 
1 5  2.090 2.140  91.600  ?     ? ? 3.700 ? ? ? ? ? ? 
1 6  2.140 2.180  96.000  ?     ? ? 4.600 ? ? ? ? ? ? 
1 7  2.180 2.240  98.800  ?     ? ? 5.500 ? ? ? ? ? ? 
1 8  2.240 2.300  100.000 ?     ? ? 6.100 ? ? ? ? ? ? 
1 9  2.300 2.370  99.600  ?     ? ? 6.600 ? ? ? ? ? ? 
1 10 2.370 2.440  100.000 0.951 ? ? 6.600 ? ? ? ? ? ? 
1 11 2.440 2.530  100.000 0.641 ? ? 6.700 ? ? ? ? ? ? 
1 12 2.530 2.630  100.000 0.417 ? ? 6.800 ? ? ? ? ? ? 
1 13 2.630 2.750  100.000 0.260 ? ? 6.700 ? ? ? ? ? ? 
1 14 2.750 2.900  100.000 0.205 ? ? 6.900 ? ? ? ? ? ? 
1 15 2.900 3.080  100.000 0.146 ? ? 6.800 ? ? ? ? ? ? 
1 16 3.080 3.320  99.200  0.053 ? ? 6.600 ? ? ? ? ? ? 
1 17 3.320 3.650  99.700  0.047 ? ? 6.600 ? ? ? ? ? ? 
1 18 3.650 4.180  100.000 0.042 ? ? 6.400 ? ? ? ? ? ? 
1 19 4.180 5.260  100.000 0.039 ? ? 6.300 ? ? ? ? ? ? 
1 20 5.260 50.000 95.000  0.036 ? ? 5.600 ? ? ? ? ? ? 
# 
_refine.pdbx_refine_id                           'X-RAY DIFFRACTION' 
_refine.entry_id                                 4ITD 
_refine.pdbx_diffrn_id                           1 
_refine.pdbx_TLS_residual_ADP_flag               ? 
_refine.ls_number_reflns_obs                     3654 
_refine.ls_number_reflns_all                     ? 
_refine.pdbx_ls_sigma_I                          ? 
_refine.pdbx_ls_sigma_F                          . 
_refine.pdbx_data_cutoff_high_absF               ? 
_refine.pdbx_data_cutoff_low_absF                ? 
_refine.pdbx_data_cutoff_high_rms_absF           ? 
_refine.ls_d_res_low                             34.41 
_refine.ls_d_res_high                            1.94 
_refine.ls_percent_reflns_obs                    72.45 
_refine.ls_R_factor_obs                          0.22763 
_refine.ls_R_factor_all                          ? 
_refine.ls_R_factor_R_work                       0.22611 
_refine.ls_R_factor_R_free                       0.25351 
_refine.ls_R_factor_R_free_error                 ? 
_refine.ls_R_factor_R_free_error_details         ? 
_refine.ls_percent_reflns_R_free                 4.9 
_refine.ls_number_reflns_R_free                  188 
_refine.ls_number_parameters                     ? 
_refine.ls_number_restraints                     ? 
_refine.occupancy_min                            1.000 
_refine.occupancy_max                            1.000 
_refine.correlation_coeff_Fo_to_Fc               0.966 
_refine.correlation_coeff_Fo_to_Fc_free          0.952 
_refine.B_iso_mean                               38.682 
_refine.aniso_B[1][1]                            2.33 
_refine.aniso_B[2][2]                            -0.98 
_refine.aniso_B[3][3]                            -1.35 
_refine.aniso_B[1][2]                            0.00 
_refine.aniso_B[1][3]                            -0.00 
_refine.aniso_B[2][3]                            0.00 
_refine.solvent_model_details                    MASK 
_refine.solvent_model_param_ksol                 ? 
_refine.solvent_model_param_bsol                 ? 
_refine.pdbx_solvent_vdw_probe_radii             1.20 
_refine.pdbx_solvent_ion_probe_radii             0.80 
_refine.pdbx_solvent_shrinkage_radii             0.80 
_refine.pdbx_ls_cross_valid_method               THROUGHOUT 
_refine.details                                  'HYDROGENS HAVE BEEN ADDED IN THE RIDING POSITIONS' 
_refine.pdbx_starting_model                      ? 
_refine.pdbx_method_to_determine_struct          'MOLECULAR REPLACEMENT' 
_refine.pdbx_isotropic_thermal_model             ? 
_refine.pdbx_stereochemistry_target_values       'MAXIMUM LIKELIHOOD' 
_refine.pdbx_stereochem_target_val_spec_case     ? 
_refine.pdbx_R_Free_selection_details            RANDOM 
_refine.pdbx_overall_ESU_R                       0.344 
_refine.pdbx_overall_ESU_R_Free                  0.226 
_refine.overall_SU_ML                            0.200 
_refine.pdbx_overall_phase_error                 ? 
_refine.overall_SU_B                             9.113 
_refine.overall_SU_R_Cruickshank_DPI             0.3415 
_refine.pdbx_overall_SU_R_free_Cruickshank_DPI   ? 
_refine.pdbx_overall_SU_R_Blow_DPI               ? 
_refine.pdbx_overall_SU_R_free_Blow_DPI          ? 
_refine.ls_redundancy_reflns_obs                 ? 
_refine.overall_SU_R_free                        ? 
_refine.ls_wR_factor_R_free                      ? 
_refine.ls_wR_factor_R_work                      ? 
_refine.overall_FOM_free_R_set                   ? 
_refine.overall_FOM_work_R_set                   ? 
# 
_refine_hist.pdbx_refine_id                   'X-RAY DIFFRACTION' 
_refine_hist.cycle_id                         LAST 
_refine_hist.pdbx_number_atoms_protein        0 
_refine_hist.pdbx_number_atoms_nucleic_acid   496 
_refine_hist.pdbx_number_atoms_ligand         33 
_refine_hist.number_atoms_solvent             80 
_refine_hist.number_atoms_total               609 
_refine_hist.d_res_high                       1.94 
_refine_hist.d_res_low                        34.41 
# 
loop_
_refine_ls_restr.type 
_refine_ls_restr.dev_ideal 
_refine_ls_restr.dev_ideal_target 
_refine_ls_restr.weight 
_refine_ls_restr.number 
_refine_ls_restr.pdbx_refine_id 
_refine_ls_restr.pdbx_restraint_function 
r_bond_refined_d             0.023 0.011 ? 583 'X-RAY DIFFRACTION' ? 
r_bond_other_d               0.035 0.020 ? 292 'X-RAY DIFFRACTION' ? 
r_angle_refined_deg          2.168 1.270 ? 894 'X-RAY DIFFRACTION' ? 
r_angle_other_deg            4.873 3.000 ? 685 'X-RAY DIFFRACTION' ? 
r_dihedral_angle_1_deg       ?     ?     ? ?   'X-RAY DIFFRACTION' ? 
r_dihedral_angle_2_deg       ?     ?     ? ?   'X-RAY DIFFRACTION' ? 
r_dihedral_angle_3_deg       ?     ?     ? ?   'X-RAY DIFFRACTION' ? 
r_dihedral_angle_4_deg       ?     ?     ? ?   'X-RAY DIFFRACTION' ? 
r_chiral_restr               0.109 0.200 ? 74  'X-RAY DIFFRACTION' ? 
r_gen_planes_refined         0.019 0.020 ? 318 'X-RAY DIFFRACTION' ? 
r_gen_planes_other           0.031 0.020 ? 134 'X-RAY DIFFRACTION' ? 
r_nbd_refined                ?     ?     ? ?   'X-RAY DIFFRACTION' ? 
r_nbd_other                  ?     ?     ? ?   'X-RAY DIFFRACTION' ? 
r_nbtor_refined              ?     ?     ? ?   'X-RAY DIFFRACTION' ? 
r_nbtor_other                ?     ?     ? ?   'X-RAY DIFFRACTION' ? 
r_xyhbond_nbd_refined        ?     ?     ? ?   'X-RAY DIFFRACTION' ? 
r_xyhbond_nbd_other          ?     ?     ? ?   'X-RAY DIFFRACTION' ? 
r_metal_ion_refined          ?     ?     ? ?   'X-RAY DIFFRACTION' ? 
r_metal_ion_other            ?     ?     ? ?   'X-RAY DIFFRACTION' ? 
r_symmetry_vdw_refined       ?     ?     ? ?   'X-RAY DIFFRACTION' ? 
r_symmetry_vdw_other         ?     ?     ? ?   'X-RAY DIFFRACTION' ? 
r_symmetry_hbond_refined     ?     ?     ? ?   'X-RAY DIFFRACTION' ? 
r_symmetry_hbond_other       ?     ?     ? ?   'X-RAY DIFFRACTION' ? 
r_symmetry_metal_ion_refined ?     ?     ? ?   'X-RAY DIFFRACTION' ? 
r_symmetry_metal_ion_other   ?     ?     ? ?   'X-RAY DIFFRACTION' ? 
r_mcbond_it                  ?     ?     ? ?   'X-RAY DIFFRACTION' ? 
r_mcbond_other               ?     ?     ? ?   'X-RAY DIFFRACTION' ? 
r_mcangle_it                 ?     ?     ? ?   'X-RAY DIFFRACTION' ? 
r_scbond_it                  4.181 3.000 ? 589 'X-RAY DIFFRACTION' ? 
r_scangle_it                 5.740 4.500 ? 894 'X-RAY DIFFRACTION' ? 
r_rigid_bond_restr           ?     ?     ? ?   'X-RAY DIFFRACTION' ? 
r_sphericity_free            ?     ?     ? ?   'X-RAY DIFFRACTION' ? 
r_sphericity_bonded          ?     ?     ? ?   'X-RAY DIFFRACTION' ? 
# 
_refine_ls_shell.pdbx_refine_id                   'X-RAY DIFFRACTION' 
_refine_ls_shell.pdbx_total_number_of_bins_used   20 
_refine_ls_shell.d_res_high                       1.940 
_refine_ls_shell.d_res_low                        1.991 
_refine_ls_shell.number_reflns_R_work             79 
_refine_ls_shell.R_factor_R_work                  0.514 
_refine_ls_shell.percent_reflns_obs               21.37 
_refine_ls_shell.R_factor_R_free                  0.557 
_refine_ls_shell.R_factor_R_free_error            ? 
_refine_ls_shell.percent_reflns_R_free            ? 
_refine_ls_shell.number_reflns_R_free             2 
_refine_ls_shell.number_reflns_all                ? 
_refine_ls_shell.R_factor_all                     ? 
_refine_ls_shell.redundancy_reflns_obs            ? 
_refine_ls_shell.number_reflns_obs                ? 
# 
_struct.entry_id                  4ITD 
_struct.title                     
;Structures of DNA duplexes containing O6-carboxymethylguanine, a lesion associated with gastrointestinal cancer, reveal a mechanism for inducing transition mutation
;
_struct.pdbx_model_details        ? 
_struct.pdbx_CASP_flag            ? 
_struct.pdbx_model_type_details   ? 
# 
_struct_keywords.entry_id        4ITD 
_struct_keywords.text            'damaged DNA, O6-carboxymethylguanine, mutagenesis, DNA' 
_struct_keywords.pdbx_keywords   DNA 
# 
loop_
_struct_asym.id 
_struct_asym.pdbx_blank_PDB_chainid_flag 
_struct_asym.pdbx_modified 
_struct_asym.entity_id 
_struct_asym.details 
A N N 1 ? 
B N N 1 ? 
C N N 2 ? 
D N N 3 ? 
E N N 4 ? 
F N N 4 ? 
# 
_struct_ref.id                         1 
_struct_ref.db_name                    PDB 
_struct_ref.db_code                    4ITD 
_struct_ref.pdbx_db_accession          4ITD 
_struct_ref.entity_id                  1 
_struct_ref.pdbx_align_begin           ? 
_struct_ref.pdbx_seq_one_letter_code   ? 
_struct_ref.pdbx_db_isoform            ? 
# 
loop_
_struct_ref_seq.align_id 
_struct_ref_seq.ref_id 
_struct_ref_seq.pdbx_PDB_id_code 
_struct_ref_seq.pdbx_strand_id 
_struct_ref_seq.seq_align_beg 
_struct_ref_seq.pdbx_seq_align_beg_ins_code 
_struct_ref_seq.seq_align_end 
_struct_ref_seq.pdbx_seq_align_end_ins_code 
_struct_ref_seq.pdbx_db_accession 
_struct_ref_seq.db_align_beg 
_struct_ref_seq.pdbx_db_align_beg_ins_code 
_struct_ref_seq.db_align_end 
_struct_ref_seq.pdbx_db_align_end_ins_code 
_struct_ref_seq.pdbx_auth_seq_align_beg 
_struct_ref_seq.pdbx_auth_seq_align_end 
1 1 4ITD A 1 ? 12 ? 4ITD 1  ? 12 ? 1  12 
2 1 4ITD B 1 ? 12 ? 4ITD 13 ? 24 ? 13 24 
# 
_pdbx_struct_assembly.id                   1 
_pdbx_struct_assembly.details              author_and_software_defined_assembly 
_pdbx_struct_assembly.method_details       PISA 
_pdbx_struct_assembly.oligomeric_details   dimeric 
_pdbx_struct_assembly.oligomeric_count     2 
# 
loop_
_pdbx_struct_assembly_prop.biol_id 
_pdbx_struct_assembly_prop.type 
_pdbx_struct_assembly_prop.value 
_pdbx_struct_assembly_prop.details 
1 'ABSA (A^2)' 1330 ? 
1 MORE         -11  ? 
1 'SSA (A^2)'  5200 ? 
# 
_pdbx_struct_assembly_gen.assembly_id       1 
_pdbx_struct_assembly_gen.oper_expression   1 
_pdbx_struct_assembly_gen.asym_id_list      A,B,C,D,E,F 
# 
_pdbx_struct_oper_list.id                   1 
_pdbx_struct_oper_list.type                 'identity operation' 
_pdbx_struct_oper_list.name                 1_555 
_pdbx_struct_oper_list.symmetry_operation   x,y,z 
_pdbx_struct_oper_list.matrix[1][1]         1.0000000000 
_pdbx_struct_oper_list.matrix[1][2]         0.0000000000 
_pdbx_struct_oper_list.matrix[1][3]         0.0000000000 
_pdbx_struct_oper_list.vector[1]            0.0000000000 
_pdbx_struct_oper_list.matrix[2][1]         0.0000000000 
_pdbx_struct_oper_list.matrix[2][2]         1.0000000000 
_pdbx_struct_oper_list.matrix[2][3]         0.0000000000 
_pdbx_struct_oper_list.vector[2]            0.0000000000 
_pdbx_struct_oper_list.matrix[3][1]         0.0000000000 
_pdbx_struct_oper_list.matrix[3][2]         0.0000000000 
_pdbx_struct_oper_list.matrix[3][3]         1.0000000000 
_pdbx_struct_oper_list.vector[3]            0.0000000000 
# 
_struct_biol.id        1 
_struct_biol.details   ? 
# 
loop_
_struct_conn.id 
_struct_conn.conn_type_id 
_struct_conn.pdbx_leaving_atom_flag 
_struct_conn.pdbx_PDB_id 
_struct_conn.ptnr1_label_asym_id 
_struct_conn.ptnr1_label_comp_id 
_struct_conn.ptnr1_label_seq_id 
_struct_conn.ptnr1_label_atom_id 
_struct_conn.pdbx_ptnr1_label_alt_id 
_struct_conn.pdbx_ptnr1_PDB_ins_code 
_struct_conn.pdbx_ptnr1_standard_comp_id 
_struct_conn.ptnr1_symmetry 
_struct_conn.ptnr2_label_asym_id 
_struct_conn.ptnr2_label_comp_id 
_struct_conn.ptnr2_label_seq_id 
_struct_conn.ptnr2_label_atom_id 
_struct_conn.pdbx_ptnr2_label_alt_id 
_struct_conn.pdbx_ptnr2_PDB_ins_code 
_struct_conn.ptnr1_auth_asym_id 
_struct_conn.ptnr1_auth_comp_id 
_struct_conn.ptnr1_auth_seq_id 
_struct_conn.ptnr2_auth_asym_id 
_struct_conn.ptnr2_auth_comp_id 
_struct_conn.ptnr2_auth_seq_id 
_struct_conn.ptnr2_symmetry 
_struct_conn.pdbx_ptnr3_label_atom_id 
_struct_conn.pdbx_ptnr3_label_seq_id 
_struct_conn.pdbx_ptnr3_label_comp_id 
_struct_conn.pdbx_ptnr3_label_asym_id 
_struct_conn.pdbx_ptnr3_label_alt_id 
_struct_conn.pdbx_ptnr3_PDB_ins_code 
_struct_conn.details 
_struct_conn.pdbx_dist_value 
_struct_conn.pdbx_value_order 
_struct_conn.pdbx_role 
covale1  covale both ? A DG  4  "O3'" ? ? ? 1_555 A C6G 5  P  ? ? A DG  4   A C6G 5   1_555 ? ? ? ? ? ? ?            1.526 ? ? 
covale2  covale one  ? A C6G 5  "O3'" ? ? ? 1_555 A DA  6  P  ? ? A C6G 5   A DA  6   1_555 ? ? ? ? ? ? ?            1.521 ? ? 
covale3  covale both ? B DG  4  "O3'" ? ? ? 1_555 B C6G 5  P  ? ? B DG  16  B C6G 17  1_555 ? ? ? ? ? ? ?            1.485 ? ? 
covale4  covale one  ? B C6G 5  "O3'" ? ? ? 1_555 B DA  6  P  ? ? B C6G 17  B DA  18  1_555 ? ? ? ? ? ? ?            1.596 ? ? 
metalc1  metalc ?    ? C MG  .  MG    ? ? ? 1_555 E HOH .  O  ? ? A MG  101 A HOH 203 1_555 ? ? ? ? ? ? ?            1.988 ? ? 
metalc2  metalc ?    ? C MG  .  MG    ? ? ? 1_555 E HOH .  O  ? ? A MG  101 A HOH 231 1_555 ? ? ? ? ? ? ?            2.037 ? ? 
metalc3  metalc ?    ? C MG  .  MG    ? ? ? 1_555 E HOH .  O  ? ? A MG  101 A HOH 232 1_555 ? ? ? ? ? ? ?            2.111 ? ? 
metalc4  metalc ?    ? C MG  .  MG    ? ? ? 1_555 E HOH .  O  ? ? A MG  101 A HOH 233 1_555 ? ? ? ? ? ? ?            2.120 ? ? 
metalc5  metalc ?    ? C MG  .  MG    ? ? ? 1_555 E HOH .  O  ? ? A MG  101 A HOH 234 1_555 ? ? ? ? ? ? ?            2.038 ? ? 
metalc6  metalc ?    ? C MG  .  MG    ? ? ? 1_555 F HOH .  O  ? ? A MG  101 B HOH 238 1_555 ? ? ? ? ? ? ?            2.151 ? ? 
hydrog1  hydrog ?    ? A DC  1  N3    ? ? ? 1_555 B DG  12 N1 ? ? A DC  1   B DG  24  1_555 ? ? ? ? ? ? WATSON-CRICK ?     ? ? 
hydrog2  hydrog ?    ? A DC  1  N4    ? ? ? 1_555 B DG  12 O6 ? ? A DC  1   B DG  24  1_555 ? ? ? ? ? ? WATSON-CRICK ?     ? ? 
hydrog3  hydrog ?    ? A DC  1  O2    ? ? ? 1_555 B DG  12 N2 ? ? A DC  1   B DG  24  1_555 ? ? ? ? ? ? WATSON-CRICK ?     ? ? 
hydrog4  hydrog ?    ? A DG  2  N1    ? ? ? 1_555 B DC  11 N3 ? ? A DG  2   B DC  23  1_555 ? ? ? ? ? ? WATSON-CRICK ?     ? ? 
hydrog5  hydrog ?    ? A DG  2  N2    ? ? ? 1_555 B DC  11 O2 ? ? A DG  2   B DC  23  1_555 ? ? ? ? ? ? WATSON-CRICK ?     ? ? 
hydrog6  hydrog ?    ? A DG  2  O6    ? ? ? 1_555 B DC  11 N4 ? ? A DG  2   B DC  23  1_555 ? ? ? ? ? ? WATSON-CRICK ?     ? ? 
hydrog7  hydrog ?    ? A DC  3  N3    ? ? ? 1_555 B DG  10 N1 ? ? A DC  3   B DG  22  1_555 ? ? ? ? ? ? WATSON-CRICK ?     ? ? 
hydrog8  hydrog ?    ? A DC  3  N4    ? ? ? 1_555 B DG  10 O6 ? ? A DC  3   B DG  22  1_555 ? ? ? ? ? ? WATSON-CRICK ?     ? ? 
hydrog9  hydrog ?    ? A DC  3  O2    ? ? ? 1_555 B DG  10 N2 ? ? A DC  3   B DG  22  1_555 ? ? ? ? ? ? WATSON-CRICK ?     ? ? 
hydrog10 hydrog ?    ? A DG  4  N1    ? ? ? 1_555 B DC  9  N3 ? ? A DG  4   B DC  21  1_555 ? ? ? ? ? ? WATSON-CRICK ?     ? ? 
hydrog11 hydrog ?    ? A DG  4  N2    ? ? ? 1_555 B DC  9  O2 ? ? A DG  4   B DC  21  1_555 ? ? ? ? ? ? WATSON-CRICK ?     ? ? 
hydrog12 hydrog ?    ? A DG  4  O6    ? ? ? 1_555 B DC  9  N4 ? ? A DG  4   B DC  21  1_555 ? ? ? ? ? ? WATSON-CRICK ?     ? ? 
hydrog13 hydrog ?    ? A DA  6  N1    ? ? ? 1_555 B DT  7  N3 ? ? A DA  6   B DT  19  1_555 ? ? ? ? ? ? WATSON-CRICK ?     ? ? 
hydrog14 hydrog ?    ? A DA  6  N6    ? ? ? 1_555 B DT  7  O4 ? ? A DA  6   B DT  19  1_555 ? ? ? ? ? ? WATSON-CRICK ?     ? ? 
hydrog15 hydrog ?    ? A DT  7  N3    ? ? ? 1_555 B DA  6  N1 ? ? A DT  7   B DA  18  1_555 ? ? ? ? ? ? WATSON-CRICK ?     ? ? 
hydrog16 hydrog ?    ? A DT  7  O4    ? ? ? 1_555 B DA  6  N6 ? ? A DT  7   B DA  18  1_555 ? ? ? ? ? ? WATSON-CRICK ?     ? ? 
hydrog17 hydrog ?    ? A DC  9  N3    ? ? ? 1_555 B DG  4  N1 ? ? A DC  9   B DG  16  1_555 ? ? ? ? ? ? WATSON-CRICK ?     ? ? 
hydrog18 hydrog ?    ? A DC  9  N4    ? ? ? 1_555 B DG  4  O6 ? ? A DC  9   B DG  16  1_555 ? ? ? ? ? ? WATSON-CRICK ?     ? ? 
hydrog19 hydrog ?    ? A DC  9  O2    ? ? ? 1_555 B DG  4  N2 ? ? A DC  9   B DG  16  1_555 ? ? ? ? ? ? WATSON-CRICK ?     ? ? 
hydrog20 hydrog ?    ? A DG  10 N1    ? ? ? 1_555 B DC  3  N3 ? ? A DG  10  B DC  15  1_555 ? ? ? ? ? ? WATSON-CRICK ?     ? ? 
hydrog21 hydrog ?    ? A DG  10 N2    ? ? ? 1_555 B DC  3  O2 ? ? A DG  10  B DC  15  1_555 ? ? ? ? ? ? WATSON-CRICK ?     ? ? 
hydrog22 hydrog ?    ? A DG  10 O6    ? ? ? 1_555 B DC  3  N4 ? ? A DG  10  B DC  15  1_555 ? ? ? ? ? ? WATSON-CRICK ?     ? ? 
hydrog23 hydrog ?    ? A DC  11 N3    ? ? ? 1_555 B DG  2  N1 ? ? A DC  11  B DG  14  1_555 ? ? ? ? ? ? WATSON-CRICK ?     ? ? 
hydrog24 hydrog ?    ? A DC  11 N4    ? ? ? 1_555 B DG  2  O6 ? ? A DC  11  B DG  14  1_555 ? ? ? ? ? ? WATSON-CRICK ?     ? ? 
hydrog25 hydrog ?    ? A DC  11 O2    ? ? ? 1_555 B DG  2  N2 ? ? A DC  11  B DG  14  1_555 ? ? ? ? ? ? WATSON-CRICK ?     ? ? 
hydrog26 hydrog ?    ? A DG  12 N1    ? ? ? 1_555 B DC  1  N3 ? ? A DG  12  B DC  13  1_555 ? ? ? ? ? ? WATSON-CRICK ?     ? ? 
hydrog27 hydrog ?    ? A DG  12 N2    ? ? ? 1_555 B DC  1  O2 ? ? A DG  12  B DC  13  1_555 ? ? ? ? ? ? WATSON-CRICK ?     ? ? 
hydrog28 hydrog ?    ? A DG  12 O6    ? ? ? 1_555 B DC  1  N4 ? ? A DG  12  B DC  13  1_555 ? ? ? ? ? ? WATSON-CRICK ?     ? ? 
# 
loop_
_struct_conn_type.id 
_struct_conn_type.criteria 
_struct_conn_type.reference 
covale ? ? 
metalc ? ? 
hydrog ? ? 
# 
loop_
_pdbx_struct_conn_angle.id 
_pdbx_struct_conn_angle.ptnr1_label_atom_id 
_pdbx_struct_conn_angle.ptnr1_label_alt_id 
_pdbx_struct_conn_angle.ptnr1_label_asym_id 
_pdbx_struct_conn_angle.ptnr1_label_comp_id 
_pdbx_struct_conn_angle.ptnr1_label_seq_id 
_pdbx_struct_conn_angle.ptnr1_auth_atom_id 
_pdbx_struct_conn_angle.ptnr1_auth_asym_id 
_pdbx_struct_conn_angle.ptnr1_auth_comp_id 
_pdbx_struct_conn_angle.ptnr1_auth_seq_id 
_pdbx_struct_conn_angle.ptnr1_PDB_ins_code 
_pdbx_struct_conn_angle.ptnr1_symmetry 
_pdbx_struct_conn_angle.ptnr2_label_atom_id 
_pdbx_struct_conn_angle.ptnr2_label_alt_id 
_pdbx_struct_conn_angle.ptnr2_label_asym_id 
_pdbx_struct_conn_angle.ptnr2_label_comp_id 
_pdbx_struct_conn_angle.ptnr2_label_seq_id 
_pdbx_struct_conn_angle.ptnr2_auth_atom_id 
_pdbx_struct_conn_angle.ptnr2_auth_asym_id 
_pdbx_struct_conn_angle.ptnr2_auth_comp_id 
_pdbx_struct_conn_angle.ptnr2_auth_seq_id 
_pdbx_struct_conn_angle.ptnr2_PDB_ins_code 
_pdbx_struct_conn_angle.ptnr2_symmetry 
_pdbx_struct_conn_angle.ptnr3_label_atom_id 
_pdbx_struct_conn_angle.ptnr3_label_alt_id 
_pdbx_struct_conn_angle.ptnr3_label_asym_id 
_pdbx_struct_conn_angle.ptnr3_label_comp_id 
_pdbx_struct_conn_angle.ptnr3_label_seq_id 
_pdbx_struct_conn_angle.ptnr3_auth_atom_id 
_pdbx_struct_conn_angle.ptnr3_auth_asym_id 
_pdbx_struct_conn_angle.ptnr3_auth_comp_id 
_pdbx_struct_conn_angle.ptnr3_auth_seq_id 
_pdbx_struct_conn_angle.ptnr3_PDB_ins_code 
_pdbx_struct_conn_angle.ptnr3_symmetry 
_pdbx_struct_conn_angle.value 
_pdbx_struct_conn_angle.value_esd 
1  O ? E HOH . ? A HOH 203 ? 1_555 MG ? C MG . ? A MG 101 ? 1_555 O ? E HOH . ? A HOH 231 ? 1_555 81.6  ? 
2  O ? E HOH . ? A HOH 203 ? 1_555 MG ? C MG . ? A MG 101 ? 1_555 O ? E HOH . ? A HOH 232 ? 1_555 91.9  ? 
3  O ? E HOH . ? A HOH 231 ? 1_555 MG ? C MG . ? A MG 101 ? 1_555 O ? E HOH . ? A HOH 232 ? 1_555 173.0 ? 
4  O ? E HOH . ? A HOH 203 ? 1_555 MG ? C MG . ? A MG 101 ? 1_555 O ? E HOH . ? A HOH 233 ? 1_555 97.0  ? 
5  O ? E HOH . ? A HOH 231 ? 1_555 MG ? C MG . ? A MG 101 ? 1_555 O ? E HOH . ? A HOH 233 ? 1_555 97.3  ? 
6  O ? E HOH . ? A HOH 232 ? 1_555 MG ? C MG . ? A MG 101 ? 1_555 O ? E HOH . ? A HOH 233 ? 1_555 80.7  ? 
7  O ? E HOH . ? A HOH 203 ? 1_555 MG ? C MG . ? A MG 101 ? 1_555 O ? E HOH . ? A HOH 234 ? 1_555 174.6 ? 
8  O ? E HOH . ? A HOH 231 ? 1_555 MG ? C MG . ? A MG 101 ? 1_555 O ? E HOH . ? A HOH 234 ? 1_555 103.5 ? 
9  O ? E HOH . ? A HOH 232 ? 1_555 MG ? C MG . ? A MG 101 ? 1_555 O ? E HOH . ? A HOH 234 ? 1_555 83.0  ? 
10 O ? E HOH . ? A HOH 233 ? 1_555 MG ? C MG . ? A MG 101 ? 1_555 O ? E HOH . ? A HOH 234 ? 1_555 83.9  ? 
11 O ? E HOH . ? A HOH 203 ? 1_555 MG ? C MG . ? A MG 101 ? 1_555 O ? F HOH . ? B HOH 238 ? 1_555 93.3  ? 
12 O ? E HOH . ? A HOH 231 ? 1_555 MG ? C MG . ? A MG 101 ? 1_555 O ? F HOH . ? B HOH 238 ? 1_555 84.1  ? 
13 O ? E HOH . ? A HOH 232 ? 1_555 MG ? C MG . ? A MG 101 ? 1_555 O ? F HOH . ? B HOH 238 ? 1_555 99.1  ? 
14 O ? E HOH . ? A HOH 233 ? 1_555 MG ? C MG . ? A MG 101 ? 1_555 O ? F HOH . ? B HOH 238 ? 1_555 169.7 ? 
15 O ? E HOH . ? A HOH 234 ? 1_555 MG ? C MG . ? A MG 101 ? 1_555 O ? F HOH . ? B HOH 238 ? 1_555 85.9  ? 
# 
loop_
_struct_site.id 
_struct_site.pdbx_evidence_code 
_struct_site.pdbx_auth_asym_id 
_struct_site.pdbx_auth_comp_id 
_struct_site.pdbx_auth_seq_id 
_struct_site.pdbx_auth_ins_code 
_struct_site.pdbx_num_residues 
_struct_site.details 
AC1 Software A MG 101 ? 6  'BINDING SITE FOR RESIDUE MG A 101' 
AC2 Software A HT 102 ? 12 'BINDING SITE FOR RESIDUE HT A 102' 
1   ?        ? ?  ?   ? ?  ?                                   
# 
loop_
_struct_site_gen.id 
_struct_site_gen.site_id 
_struct_site_gen.pdbx_num_res 
_struct_site_gen.label_comp_id 
_struct_site_gen.label_asym_id 
_struct_site_gen.label_seq_id 
_struct_site_gen.pdbx_auth_ins_code 
_struct_site_gen.auth_comp_id 
_struct_site_gen.auth_asym_id 
_struct_site_gen.auth_seq_id 
_struct_site_gen.label_atom_id 
_struct_site_gen.label_alt_id 
_struct_site_gen.symmetry 
_struct_site_gen.details 
1  AC1 6  HOH E .  ? HOH A 203 . ? 1_555 ? 
2  AC1 6  HOH E .  ? HOH A 231 . ? 1_555 ? 
3  AC1 6  HOH E .  ? HOH A 232 . ? 1_555 ? 
4  AC1 6  HOH E .  ? HOH A 233 . ? 1_555 ? 
5  AC1 6  HOH E .  ? HOH A 234 . ? 1_555 ? 
6  AC1 6  HOH F .  ? HOH B 238 . ? 1_555 ? 
7  AC2 12 C6G A 5  ? C6G A 5   . ? 1_555 ? 
8  AC2 12 DA  A 6  ? DA  A 6   . ? 1_555 ? 
9  AC2 12 DT  A 7  ? DT  A 7   . ? 1_555 ? 
10 AC2 12 DT  A 8  ? DT  A 8   . ? 1_555 ? 
11 AC2 12 DC  A 9  ? DC  A 9   . ? 1_555 ? 
12 AC2 12 DG  A 12 ? DG  A 12  . ? 2_455 ? 
13 AC2 12 DA  B 6  ? DA  B 18  . ? 1_555 ? 
14 AC2 12 DT  B 7  ? DT  B 19  . ? 1_555 ? 
15 AC2 12 DT  B 8  ? DT  B 20  . ? 1_555 ? 
16 AC2 12 DC  B 9  ? DC  B 21  . ? 1_555 ? 
17 AC2 12 DG  B 10 ? DG  B 22  . ? 1_555 ? 
18 AC2 12 DC  B 11 ? DC  B 23  . ? 1_555 ? 
# 
loop_
_pdbx_validate_close_contact.id 
_pdbx_validate_close_contact.PDB_model_num 
_pdbx_validate_close_contact.auth_atom_id_1 
_pdbx_validate_close_contact.auth_asym_id_1 
_pdbx_validate_close_contact.auth_comp_id_1 
_pdbx_validate_close_contact.auth_seq_id_1 
_pdbx_validate_close_contact.PDB_ins_code_1 
_pdbx_validate_close_contact.label_alt_id_1 
_pdbx_validate_close_contact.auth_atom_id_2 
_pdbx_validate_close_contact.auth_asym_id_2 
_pdbx_validate_close_contact.auth_comp_id_2 
_pdbx_validate_close_contact.auth_seq_id_2 
_pdbx_validate_close_contact.PDB_ins_code_2 
_pdbx_validate_close_contact.label_alt_id_2 
_pdbx_validate_close_contact.dist 
1 1 O A HOH 211 ? ? O A HOH 228 ? ? 1.67 
2 1 O A HOH 236 ? ? O A HOH 239 ? ? 1.76 
3 1 O B C6G 17  ? ? O B HOH 225 ? ? 2.12 
4 1 O A HOH 205 ? ? O A HOH 206 ? ? 2.12 
# 
_pdbx_validate_symm_contact.id                1 
_pdbx_validate_symm_contact.PDB_model_num     1 
_pdbx_validate_symm_contact.auth_atom_id_1    O 
_pdbx_validate_symm_contact.auth_asym_id_1    A 
_pdbx_validate_symm_contact.auth_comp_id_1    HOH 
_pdbx_validate_symm_contact.auth_seq_id_1     217 
_pdbx_validate_symm_contact.PDB_ins_code_1    ? 
_pdbx_validate_symm_contact.label_alt_id_1    ? 
_pdbx_validate_symm_contact.site_symmetry_1   1_555 
_pdbx_validate_symm_contact.auth_atom_id_2    O 
_pdbx_validate_symm_contact.auth_asym_id_2    B 
_pdbx_validate_symm_contact.auth_comp_id_2    HOH 
_pdbx_validate_symm_contact.auth_seq_id_2     230 
_pdbx_validate_symm_contact.PDB_ins_code_2    ? 
_pdbx_validate_symm_contact.label_alt_id_2    ? 
_pdbx_validate_symm_contact.site_symmetry_2   2_455 
_pdbx_validate_symm_contact.dist              2.19 
# 
loop_
_pdbx_validate_rmsd_bond.id 
_pdbx_validate_rmsd_bond.PDB_model_num 
_pdbx_validate_rmsd_bond.auth_atom_id_1 
_pdbx_validate_rmsd_bond.auth_asym_id_1 
_pdbx_validate_rmsd_bond.auth_comp_id_1 
_pdbx_validate_rmsd_bond.auth_seq_id_1 
_pdbx_validate_rmsd_bond.PDB_ins_code_1 
_pdbx_validate_rmsd_bond.label_alt_id_1 
_pdbx_validate_rmsd_bond.auth_atom_id_2 
_pdbx_validate_rmsd_bond.auth_asym_id_2 
_pdbx_validate_rmsd_bond.auth_comp_id_2 
_pdbx_validate_rmsd_bond.auth_seq_id_2 
_pdbx_validate_rmsd_bond.PDB_ins_code_2 
_pdbx_validate_rmsd_bond.label_alt_id_2 
_pdbx_validate_rmsd_bond.bond_value 
_pdbx_validate_rmsd_bond.bond_target_value 
_pdbx_validate_rmsd_bond.bond_deviation 
_pdbx_validate_rmsd_bond.bond_standard_deviation 
_pdbx_validate_rmsd_bond.linker_flag 
1  1 "O3'" A DG  2  ? ? P A DC  3  ? ? 1.501 1.607 -0.106 0.012 Y 
2  1 "O3'" A DC  3  ? ? P A DG  4  ? ? 1.525 1.607 -0.082 0.012 Y 
3  1 "O3'" A DG  4  ? ? P A C6G 5  ? ? 1.526 1.607 -0.081 0.012 Y 
4  1 "O3'" A C6G 5  ? ? P A DA  6  ? ? 1.521 1.607 -0.086 0.012 Y 
5  1 "O3'" A DA  6  ? ? P A DT  7  ? ? 1.499 1.607 -0.108 0.012 Y 
6  1 "O3'" A DT  7  ? ? P A DT  8  ? ? 1.481 1.607 -0.126 0.012 Y 
7  1 "O3'" A DT  8  ? ? P A DC  9  ? ? 1.514 1.607 -0.093 0.012 Y 
8  1 "O3'" A DG  10 ? ? P A DC  11 ? ? 1.523 1.607 -0.084 0.012 Y 
9  1 "O3'" B DG  16 ? ? P B C6G 17 ? ? 1.485 1.607 -0.122 0.012 Y 
10 1 "O3'" B DT  19 ? ? P B DT  20 ? ? 1.530 1.607 -0.077 0.012 Y 
11 1 "O3'" B DT  20 ? ? P B DC  21 ? ? 1.517 1.607 -0.090 0.012 Y 
12 1 "O3'" B DC  21 ? ? P B DG  22 ? ? 1.505 1.607 -0.102 0.012 Y 
13 1 "O3'" B DG  22 ? ? P B DC  23 ? ? 1.527 1.607 -0.080 0.012 Y 
# 
loop_
_pdbx_validate_rmsd_angle.id 
_pdbx_validate_rmsd_angle.PDB_model_num 
_pdbx_validate_rmsd_angle.auth_atom_id_1 
_pdbx_validate_rmsd_angle.auth_asym_id_1 
_pdbx_validate_rmsd_angle.auth_comp_id_1 
_pdbx_validate_rmsd_angle.auth_seq_id_1 
_pdbx_validate_rmsd_angle.PDB_ins_code_1 
_pdbx_validate_rmsd_angle.label_alt_id_1 
_pdbx_validate_rmsd_angle.auth_atom_id_2 
_pdbx_validate_rmsd_angle.auth_asym_id_2 
_pdbx_validate_rmsd_angle.auth_comp_id_2 
_pdbx_validate_rmsd_angle.auth_seq_id_2 
_pdbx_validate_rmsd_angle.PDB_ins_code_2 
_pdbx_validate_rmsd_angle.label_alt_id_2 
_pdbx_validate_rmsd_angle.auth_atom_id_3 
_pdbx_validate_rmsd_angle.auth_asym_id_3 
_pdbx_validate_rmsd_angle.auth_comp_id_3 
_pdbx_validate_rmsd_angle.auth_seq_id_3 
_pdbx_validate_rmsd_angle.PDB_ins_code_3 
_pdbx_validate_rmsd_angle.label_alt_id_3 
_pdbx_validate_rmsd_angle.angle_value 
_pdbx_validate_rmsd_angle.angle_target_value 
_pdbx_validate_rmsd_angle.angle_deviation 
_pdbx_validate_rmsd_angle.angle_standard_deviation 
_pdbx_validate_rmsd_angle.linker_flag 
1 1 "O5'" A DA 6  ? ? P     A DA 6  ? ? OP1   A DA 6  ? ? 100.28 105.70 -5.42 0.90 N 
2 1 "O5'" A DT 8  ? ? P     A DT 8  ? ? OP2   A DT 8  ? ? 96.49  105.70 -9.21 0.90 N 
3 1 "O5'" B DT 19 ? ? P     B DT 19 ? ? OP1   B DT 19 ? ? 97.47  105.70 -8.23 0.90 N 
4 1 "C3'" B DG 22 ? ? "C2'" B DG 22 ? ? "C1'" B DG 22 ? ? 97.57  102.40 -4.83 0.80 N 
5 1 "O5'" B DC 23 ? ? P     B DC 23 ? ? OP1   B DC 23 ? ? 98.98  105.70 -6.72 0.90 N 
# 
loop_
_pdbx_struct_mod_residue.id 
_pdbx_struct_mod_residue.label_asym_id 
_pdbx_struct_mod_residue.label_comp_id 
_pdbx_struct_mod_residue.label_seq_id 
_pdbx_struct_mod_residue.auth_asym_id 
_pdbx_struct_mod_residue.auth_comp_id 
_pdbx_struct_mod_residue.auth_seq_id 
_pdbx_struct_mod_residue.PDB_ins_code 
_pdbx_struct_mod_residue.parent_comp_id 
_pdbx_struct_mod_residue.details 
1 A C6G 5 A C6G 5  ? DG ? 
2 B C6G 5 B C6G 17 ? DG ? 
# 
_struct_site_keywords.site_id   1 
_struct_site_keywords.text      'MAJOR GROOVE BINDER' 
# 
loop_
_chem_comp_atom.comp_id 
_chem_comp_atom.atom_id 
_chem_comp_atom.type_symbol 
_chem_comp_atom.pdbx_aromatic_flag 
_chem_comp_atom.pdbx_stereo_config 
_chem_comp_atom.pdbx_ordinal 
C6G P      P  N N 1   
C6G OP1    O  N N 2   
C6G OP2    O  N N 3   
C6G "O5'"  O  N N 4   
C6G "C5'"  C  N N 5   
C6G "C4'"  C  N R 6   
C6G "O4'"  O  N N 7   
C6G "C1'"  C  N R 8   
C6G N9     N  Y N 9   
C6G C8     C  Y N 10  
C6G N7     N  Y N 11  
C6G C5     C  Y N 12  
C6G C4     C  Y N 13  
C6G N3     N  Y N 14  
C6G C2     C  Y N 15  
C6G N2     N  N N 16  
C6G N1     N  Y N 17  
C6G C6     C  Y N 18  
C6G O6     O  N N 19  
C6G "C2'"  C  N N 20  
C6G "C3'"  C  N S 21  
C6G "O3'"  O  N N 22  
C6G C      C  N N 23  
C6G O      O  N N 24  
C6G O7     O  N N 25  
C6G CH3    C  N N 26  
C6G HOP2   H  N N 27  
C6G "H5'"  H  N N 28  
C6G "H5''" H  N N 29  
C6G "H4'"  H  N N 30  
C6G "H1'"  H  N N 31  
C6G H8     H  N N 32  
C6G H21    H  N N 33  
C6G H22    H  N N 34  
C6G "H2'"  H  N N 35  
C6G "H2''" H  N N 36  
C6G "H3'"  H  N N 37  
C6G "HO3'" H  N N 38  
C6G HO7    H  N N 39  
C6G H31    H  N N 40  
C6G H32    H  N N 41  
C6G OP3    O  N N 42  
C6G HOP3   H  N N 43  
DA  OP3    O  N N 44  
DA  P      P  N N 45  
DA  OP1    O  N N 46  
DA  OP2    O  N N 47  
DA  "O5'"  O  N N 48  
DA  "C5'"  C  N N 49  
DA  "C4'"  C  N R 50  
DA  "O4'"  O  N N 51  
DA  "C3'"  C  N S 52  
DA  "O3'"  O  N N 53  
DA  "C2'"  C  N N 54  
DA  "C1'"  C  N R 55  
DA  N9     N  Y N 56  
DA  C8     C  Y N 57  
DA  N7     N  Y N 58  
DA  C5     C  Y N 59  
DA  C6     C  Y N 60  
DA  N6     N  N N 61  
DA  N1     N  Y N 62  
DA  C2     C  Y N 63  
DA  N3     N  Y N 64  
DA  C4     C  Y N 65  
DA  HOP3   H  N N 66  
DA  HOP2   H  N N 67  
DA  "H5'"  H  N N 68  
DA  "H5''" H  N N 69  
DA  "H4'"  H  N N 70  
DA  "H3'"  H  N N 71  
DA  "HO3'" H  N N 72  
DA  "H2'"  H  N N 73  
DA  "H2''" H  N N 74  
DA  "H1'"  H  N N 75  
DA  H8     H  N N 76  
DA  H61    H  N N 77  
DA  H62    H  N N 78  
DA  H2     H  N N 79  
DC  OP3    O  N N 80  
DC  P      P  N N 81  
DC  OP1    O  N N 82  
DC  OP2    O  N N 83  
DC  "O5'"  O  N N 84  
DC  "C5'"  C  N N 85  
DC  "C4'"  C  N R 86  
DC  "O4'"  O  N N 87  
DC  "C3'"  C  N S 88  
DC  "O3'"  O  N N 89  
DC  "C2'"  C  N N 90  
DC  "C1'"  C  N R 91  
DC  N1     N  N N 92  
DC  C2     C  N N 93  
DC  O2     O  N N 94  
DC  N3     N  N N 95  
DC  C4     C  N N 96  
DC  N4     N  N N 97  
DC  C5     C  N N 98  
DC  C6     C  N N 99  
DC  HOP3   H  N N 100 
DC  HOP2   H  N N 101 
DC  "H5'"  H  N N 102 
DC  "H5''" H  N N 103 
DC  "H4'"  H  N N 104 
DC  "H3'"  H  N N 105 
DC  "HO3'" H  N N 106 
DC  "H2'"  H  N N 107 
DC  "H2''" H  N N 108 
DC  "H1'"  H  N N 109 
DC  H41    H  N N 110 
DC  H42    H  N N 111 
DC  H5     H  N N 112 
DC  H6     H  N N 113 
DG  OP3    O  N N 114 
DG  P      P  N N 115 
DG  OP1    O  N N 116 
DG  OP2    O  N N 117 
DG  "O5'"  O  N N 118 
DG  "C5'"  C  N N 119 
DG  "C4'"  C  N R 120 
DG  "O4'"  O  N N 121 
DG  "C3'"  C  N S 122 
DG  "O3'"  O  N N 123 
DG  "C2'"  C  N N 124 
DG  "C1'"  C  N R 125 
DG  N9     N  Y N 126 
DG  C8     C  Y N 127 
DG  N7     N  Y N 128 
DG  C5     C  Y N 129 
DG  C6     C  N N 130 
DG  O6     O  N N 131 
DG  N1     N  N N 132 
DG  C2     C  N N 133 
DG  N2     N  N N 134 
DG  N3     N  N N 135 
DG  C4     C  Y N 136 
DG  HOP3   H  N N 137 
DG  HOP2   H  N N 138 
DG  "H5'"  H  N N 139 
DG  "H5''" H  N N 140 
DG  "H4'"  H  N N 141 
DG  "H3'"  H  N N 142 
DG  "HO3'" H  N N 143 
DG  "H2'"  H  N N 144 
DG  "H2''" H  N N 145 
DG  "H1'"  H  N N 146 
DG  H8     H  N N 147 
DG  H1     H  N N 148 
DG  H21    H  N N 149 
DG  H22    H  N N 150 
DT  OP3    O  N N 151 
DT  P      P  N N 152 
DT  OP1    O  N N 153 
DT  OP2    O  N N 154 
DT  "O5'"  O  N N 155 
DT  "C5'"  C  N N 156 
DT  "C4'"  C  N R 157 
DT  "O4'"  O  N N 158 
DT  "C3'"  C  N S 159 
DT  "O3'"  O  N N 160 
DT  "C2'"  C  N N 161 
DT  "C1'"  C  N R 162 
DT  N1     N  N N 163 
DT  C2     C  N N 164 
DT  O2     O  N N 165 
DT  N3     N  N N 166 
DT  C4     C  N N 167 
DT  O4     O  N N 168 
DT  C5     C  N N 169 
DT  C7     C  N N 170 
DT  C6     C  N N 171 
DT  HOP3   H  N N 172 
DT  HOP2   H  N N 173 
DT  "H5'"  H  N N 174 
DT  "H5''" H  N N 175 
DT  "H4'"  H  N N 176 
DT  "H3'"  H  N N 177 
DT  "HO3'" H  N N 178 
DT  "H2'"  H  N N 179 
DT  "H2''" H  N N 180 
DT  "H1'"  H  N N 181 
DT  H3     H  N N 182 
DT  H71    H  N N 183 
DT  H72    H  N N 184 
DT  H73    H  N N 185 
DT  H6     H  N N 186 
HOH O      O  N N 187 
HOH H1     H  N N 188 
HOH H2     H  N N 189 
HT  O1     O  N N 190 
HT  C1     C  Y N 191 
HT  C4     C  Y N 192 
HT  C2     C  Y N 193 
HT  C3     C  Y N 194 
HT  C6     C  Y N 195 
HT  C5     C  Y N 196 
HT  C7     C  Y N 197 
HT  N1     N  Y N 198 
HT  C8     C  Y N 199 
HT  C9     C  Y N 200 
HT  N2     N  Y N 201 
HT  C10    C  Y N 202 
HT  C11    C  Y N 203 
HT  C12    C  Y N 204 
HT  C13    C  Y N 205 
HT  C14    C  Y N 206 
HT  N3     N  Y N 207 
HT  C15    C  Y N 208 
HT  C16    C  Y N 209 
HT  N4     N  Y N 210 
HT  C17    C  Y N 211 
HT  C18    C  Y N 212 
HT  C19    C  Y N 213 
HT  C20    C  Y N 214 
HT  N5     N  N N 215 
HT  C21    C  N N 216 
HT  C22    C  N N 217 
HT  N6     N  N N 218 
HT  C23    C  N N 219 
HT  C24    C  N N 220 
HT  C25    C  N N 221 
HT  HO1    H  N N 222 
HT  H2     H  N N 223 
HT  H3     H  N N 224 
HT  H5     H  N N 225 
HT  H6     H  N N 226 
HT  HN1    H  N N 227 
HT  H10    H  N N 228 
HT  H11    H  N N 229 
HT  H13    H  N N 230 
HT  HN3    H  N N 231 
HT  H17    H  N N 232 
HT  H18    H  N N 233 
HT  H20    H  N N 234 
HT  H211   H  N N 235 
HT  H212   H  N N 236 
HT  H221   H  N N 237 
HT  H222   H  N N 238 
HT  H231   H  N N 239 
HT  H232   H  N N 240 
HT  H241   H  N N 241 
HT  H242   H  N N 242 
HT  H253   H  N N 243 
HT  H252   H  N N 244 
HT  H251   H  N N 245 
MG  MG     MG N N 246 
# 
loop_
_chem_comp_bond.comp_id 
_chem_comp_bond.atom_id_1 
_chem_comp_bond.atom_id_2 
_chem_comp_bond.value_order 
_chem_comp_bond.pdbx_aromatic_flag 
_chem_comp_bond.pdbx_stereo_config 
_chem_comp_bond.pdbx_ordinal 
C6G OP1   P      doub N N 1   
C6G P     OP2    sing N N 2   
C6G P     "O5'"  sing N N 3   
C6G O     C      doub N N 4   
C6G C     O7     sing N N 5   
C6G C     CH3    sing N N 6   
C6G "O5'" "C5'"  sing N N 7   
C6G "C5'" "C4'"  sing N N 8   
C6G N7    C8     doub Y N 9   
C6G N7    C5     sing Y N 10  
C6G C8    N9     sing Y N 11  
C6G O6    CH3    sing N N 12  
C6G O6    C6     sing N N 13  
C6G "C2'" "C3'"  sing N N 14  
C6G "C2'" "C1'"  sing N N 15  
C6G C5    C6     doub Y N 16  
C6G C5    C4     sing Y N 17  
C6G C6    N1     sing Y N 18  
C6G N9    C4     sing Y N 19  
C6G N9    "C1'"  sing N N 20  
C6G "C3'" "C4'"  sing N N 21  
C6G "C3'" "O3'"  sing N N 22  
C6G C4    N3     doub Y N 23  
C6G "C4'" "O4'"  sing N N 24  
C6G N1    C2     doub Y N 25  
C6G "C1'" "O4'"  sing N N 26  
C6G N3    C2     sing Y N 27  
C6G C2    N2     sing N N 28  
C6G OP2   HOP2   sing N N 29  
C6G "C5'" "H5'"  sing N N 30  
C6G "C5'" "H5''" sing N N 31  
C6G "C4'" "H4'"  sing N N 32  
C6G "C1'" "H1'"  sing N N 33  
C6G C8    H8     sing N N 34  
C6G N2    H21    sing N N 35  
C6G N2    H22    sing N N 36  
C6G "C2'" "H2'"  sing N N 37  
C6G "C2'" "H2''" sing N N 38  
C6G "C3'" "H3'"  sing N N 39  
C6G "O3'" "HO3'" sing N N 40  
C6G O7    HO7    sing N N 41  
C6G CH3   H31    sing N N 42  
C6G CH3   H32    sing N N 43  
C6G P     OP3    sing N N 44  
C6G OP3   HOP3   sing N N 45  
DA  OP3   P      sing N N 46  
DA  OP3   HOP3   sing N N 47  
DA  P     OP1    doub N N 48  
DA  P     OP2    sing N N 49  
DA  P     "O5'"  sing N N 50  
DA  OP2   HOP2   sing N N 51  
DA  "O5'" "C5'"  sing N N 52  
DA  "C5'" "C4'"  sing N N 53  
DA  "C5'" "H5'"  sing N N 54  
DA  "C5'" "H5''" sing N N 55  
DA  "C4'" "O4'"  sing N N 56  
DA  "C4'" "C3'"  sing N N 57  
DA  "C4'" "H4'"  sing N N 58  
DA  "O4'" "C1'"  sing N N 59  
DA  "C3'" "O3'"  sing N N 60  
DA  "C3'" "C2'"  sing N N 61  
DA  "C3'" "H3'"  sing N N 62  
DA  "O3'" "HO3'" sing N N 63  
DA  "C2'" "C1'"  sing N N 64  
DA  "C2'" "H2'"  sing N N 65  
DA  "C2'" "H2''" sing N N 66  
DA  "C1'" N9     sing N N 67  
DA  "C1'" "H1'"  sing N N 68  
DA  N9    C8     sing Y N 69  
DA  N9    C4     sing Y N 70  
DA  C8    N7     doub Y N 71  
DA  C8    H8     sing N N 72  
DA  N7    C5     sing Y N 73  
DA  C5    C6     sing Y N 74  
DA  C5    C4     doub Y N 75  
DA  C6    N6     sing N N 76  
DA  C6    N1     doub Y N 77  
DA  N6    H61    sing N N 78  
DA  N6    H62    sing N N 79  
DA  N1    C2     sing Y N 80  
DA  C2    N3     doub Y N 81  
DA  C2    H2     sing N N 82  
DA  N3    C4     sing Y N 83  
DC  OP3   P      sing N N 84  
DC  OP3   HOP3   sing N N 85  
DC  P     OP1    doub N N 86  
DC  P     OP2    sing N N 87  
DC  P     "O5'"  sing N N 88  
DC  OP2   HOP2   sing N N 89  
DC  "O5'" "C5'"  sing N N 90  
DC  "C5'" "C4'"  sing N N 91  
DC  "C5'" "H5'"  sing N N 92  
DC  "C5'" "H5''" sing N N 93  
DC  "C4'" "O4'"  sing N N 94  
DC  "C4'" "C3'"  sing N N 95  
DC  "C4'" "H4'"  sing N N 96  
DC  "O4'" "C1'"  sing N N 97  
DC  "C3'" "O3'"  sing N N 98  
DC  "C3'" "C2'"  sing N N 99  
DC  "C3'" "H3'"  sing N N 100 
DC  "O3'" "HO3'" sing N N 101 
DC  "C2'" "C1'"  sing N N 102 
DC  "C2'" "H2'"  sing N N 103 
DC  "C2'" "H2''" sing N N 104 
DC  "C1'" N1     sing N N 105 
DC  "C1'" "H1'"  sing N N 106 
DC  N1    C2     sing N N 107 
DC  N1    C6     sing N N 108 
DC  C2    O2     doub N N 109 
DC  C2    N3     sing N N 110 
DC  N3    C4     doub N N 111 
DC  C4    N4     sing N N 112 
DC  C4    C5     sing N N 113 
DC  N4    H41    sing N N 114 
DC  N4    H42    sing N N 115 
DC  C5    C6     doub N N 116 
DC  C5    H5     sing N N 117 
DC  C6    H6     sing N N 118 
DG  OP3   P      sing N N 119 
DG  OP3   HOP3   sing N N 120 
DG  P     OP1    doub N N 121 
DG  P     OP2    sing N N 122 
DG  P     "O5'"  sing N N 123 
DG  OP2   HOP2   sing N N 124 
DG  "O5'" "C5'"  sing N N 125 
DG  "C5'" "C4'"  sing N N 126 
DG  "C5'" "H5'"  sing N N 127 
DG  "C5'" "H5''" sing N N 128 
DG  "C4'" "O4'"  sing N N 129 
DG  "C4'" "C3'"  sing N N 130 
DG  "C4'" "H4'"  sing N N 131 
DG  "O4'" "C1'"  sing N N 132 
DG  "C3'" "O3'"  sing N N 133 
DG  "C3'" "C2'"  sing N N 134 
DG  "C3'" "H3'"  sing N N 135 
DG  "O3'" "HO3'" sing N N 136 
DG  "C2'" "C1'"  sing N N 137 
DG  "C2'" "H2'"  sing N N 138 
DG  "C2'" "H2''" sing N N 139 
DG  "C1'" N9     sing N N 140 
DG  "C1'" "H1'"  sing N N 141 
DG  N9    C8     sing Y N 142 
DG  N9    C4     sing Y N 143 
DG  C8    N7     doub Y N 144 
DG  C8    H8     sing N N 145 
DG  N7    C5     sing Y N 146 
DG  C5    C6     sing N N 147 
DG  C5    C4     doub Y N 148 
DG  C6    O6     doub N N 149 
DG  C6    N1     sing N N 150 
DG  N1    C2     sing N N 151 
DG  N1    H1     sing N N 152 
DG  C2    N2     sing N N 153 
DG  C2    N3     doub N N 154 
DG  N2    H21    sing N N 155 
DG  N2    H22    sing N N 156 
DG  N3    C4     sing N N 157 
DT  OP3   P      sing N N 158 
DT  OP3   HOP3   sing N N 159 
DT  P     OP1    doub N N 160 
DT  P     OP2    sing N N 161 
DT  P     "O5'"  sing N N 162 
DT  OP2   HOP2   sing N N 163 
DT  "O5'" "C5'"  sing N N 164 
DT  "C5'" "C4'"  sing N N 165 
DT  "C5'" "H5'"  sing N N 166 
DT  "C5'" "H5''" sing N N 167 
DT  "C4'" "O4'"  sing N N 168 
DT  "C4'" "C3'"  sing N N 169 
DT  "C4'" "H4'"  sing N N 170 
DT  "O4'" "C1'"  sing N N 171 
DT  "C3'" "O3'"  sing N N 172 
DT  "C3'" "C2'"  sing N N 173 
DT  "C3'" "H3'"  sing N N 174 
DT  "O3'" "HO3'" sing N N 175 
DT  "C2'" "C1'"  sing N N 176 
DT  "C2'" "H2'"  sing N N 177 
DT  "C2'" "H2''" sing N N 178 
DT  "C1'" N1     sing N N 179 
DT  "C1'" "H1'"  sing N N 180 
DT  N1    C2     sing N N 181 
DT  N1    C6     sing N N 182 
DT  C2    O2     doub N N 183 
DT  C2    N3     sing N N 184 
DT  N3    C4     sing N N 185 
DT  N3    H3     sing N N 186 
DT  C4    O4     doub N N 187 
DT  C4    C5     sing N N 188 
DT  C5    C7     sing N N 189 
DT  C5    C6     doub N N 190 
DT  C7    H71    sing N N 191 
DT  C7    H72    sing N N 192 
DT  C7    H73    sing N N 193 
DT  C6    H6     sing N N 194 
HOH O     H1     sing N N 195 
HOH O     H2     sing N N 196 
HT  O1    C1     sing N N 197 
HT  O1    HO1    sing N N 198 
HT  C1    C2     doub Y N 199 
HT  C1    C6     sing Y N 200 
HT  C2    C3     sing Y N 201 
HT  C2    H2     sing N N 202 
HT  C3    C4     doub Y N 203 
HT  C3    H3     sing N N 204 
HT  C4    C5     sing Y N 205 
HT  C4    C7     sing Y N 206 
HT  C5    C6     doub Y N 207 
HT  C5    H5     sing N N 208 
HT  C6    H6     sing N N 209 
HT  C7    N1     sing Y N 210 
HT  C7    N2     doub Y N 211 
HT  N1    C8     sing Y N 212 
HT  N1    HN1    sing N N 213 
HT  C8    C9     doub Y N 214 
HT  C8    C13    sing Y N 215 
HT  C9    N2     sing Y N 216 
HT  C9    C10    sing Y N 217 
HT  C10   C11    doub Y N 218 
HT  C10   H10    sing N N 219 
HT  C11   C12    sing Y N 220 
HT  C11   H11    sing N N 221 
HT  C12   C13    doub Y N 222 
HT  C12   C14    sing Y N 223 
HT  C13   H13    sing N N 224 
HT  C14   N3     sing Y N 225 
HT  C14   N4     doub Y N 226 
HT  N3    C15    sing Y N 227 
HT  N3    HN3    sing N N 228 
HT  C15   C16    doub Y N 229 
HT  C15   C20    sing Y N 230 
HT  C16   N4     sing Y N 231 
HT  C16   C17    sing Y N 232 
HT  C17   C18    doub Y N 233 
HT  C17   H17    sing N N 234 
HT  C18   C19    sing Y N 235 
HT  C18   H18    sing N N 236 
HT  C19   C20    doub Y N 237 
HT  C19   N5     sing N N 238 
HT  C20   H20    sing N N 239 
HT  N5    C21    sing N N 240 
HT  N5    C24    sing N N 241 
HT  C21   C22    sing N N 242 
HT  C21   H211   sing N N 243 
HT  C21   H212   sing N N 244 
HT  C22   N6     sing N N 245 
HT  C22   H221   sing N N 246 
HT  C22   H222   sing N N 247 
HT  N6    C23    sing N N 248 
HT  N6    C25    sing N N 249 
HT  C23   C24    sing N N 250 
HT  C23   H231   sing N N 251 
HT  C23   H232   sing N N 252 
HT  C24   H241   sing N N 253 
HT  C24   H242   sing N N 254 
HT  C25   H253   sing N N 255 
HT  C25   H252   sing N N 256 
HT  C25   H251   sing N N 257 
# 
loop_
_ndb_struct_conf_na.entry_id 
_ndb_struct_conf_na.feature 
4ITD 'double helix'         
4ITD 'b-form double helix'  
4ITD 'mismatched base pair' 
# 
loop_
_ndb_struct_na_base_pair.model_number 
_ndb_struct_na_base_pair.i_label_asym_id 
_ndb_struct_na_base_pair.i_label_comp_id 
_ndb_struct_na_base_pair.i_label_seq_id 
_ndb_struct_na_base_pair.i_symmetry 
_ndb_struct_na_base_pair.j_label_asym_id 
_ndb_struct_na_base_pair.j_label_comp_id 
_ndb_struct_na_base_pair.j_label_seq_id 
_ndb_struct_na_base_pair.j_symmetry 
_ndb_struct_na_base_pair.shear 
_ndb_struct_na_base_pair.stretch 
_ndb_struct_na_base_pair.stagger 
_ndb_struct_na_base_pair.buckle 
_ndb_struct_na_base_pair.propeller 
_ndb_struct_na_base_pair.opening 
_ndb_struct_na_base_pair.pair_number 
_ndb_struct_na_base_pair.pair_name 
_ndb_struct_na_base_pair.i_auth_asym_id 
_ndb_struct_na_base_pair.i_auth_seq_id 
_ndb_struct_na_base_pair.i_PDB_ins_code 
_ndb_struct_na_base_pair.j_auth_asym_id 
_ndb_struct_na_base_pair.j_auth_seq_id 
_ndb_struct_na_base_pair.j_PDB_ins_code 
_ndb_struct_na_base_pair.hbond_type_28 
_ndb_struct_na_base_pair.hbond_type_12 
1 A DC 1  1_555 B DG 12 1_555 -0.228 -0.170 -0.158 1.721   -11.640 0.688  1  A_DC1:DG24_B  A 1  ? B 24 ? 19 1 
1 A DG 2  1_555 B DC 11 1_555 -0.172 0.053  0.344  2.142   -17.014 7.510  2  A_DG2:DC23_B  A 2  ? B 23 ? 19 1 
1 A DC 3  1_555 B DG 10 1_555 0.166  -0.059 0.107  -6.016  -4.479  -4.230 3  A_DC3:DG22_B  A 3  ? B 22 ? 19 1 
1 A DG 4  1_555 B DC 9  1_555 0.162  0.005  0.314  15.545  -9.213  0.429  4  A_DG4:DC21_B  A 4  ? B 21 ? 19 1 
1 A DA 6  1_555 B DT 7  1_555 -0.149 0.244  0.282  -0.777  -22.353 2.882  5  A_DA6:DT19_B  A 6  ? B 19 ? 20 1 
1 A DT 7  1_555 B DA 6  1_555 -0.539 0.080  0.082  -2.033  -27.311 8.754  6  A_DT7:DA18_B  A 7  ? B 18 ? 20 1 
1 A DC 9  1_555 B DG 4  1_555 -0.195 0.113  0.440  -23.750 -1.637  -0.504 7  A_DC9:DG16_B  A 9  ? B 16 ? 19 1 
1 A DG 10 1_555 B DC 3  1_555 0.318  0.031  0.091  6.405   2.224   2.149  8  A_DG10:DC15_B A 10 ? B 15 ? 19 1 
1 A DC 11 1_555 B DG 2  1_555 0.439  -0.068 -0.155 11.341  -24.140 0.068  9  A_DC11:DG14_B A 11 ? B 14 ? 19 1 
1 A DG 12 1_555 B DC 1  1_555 -0.166 0.081  0.074  5.046   5.069   -1.963 10 A_DG12:DC13_B A 12 ? B 13 ? 19 1 
# 
loop_
_ndb_struct_na_base_pair_step.model_number 
_ndb_struct_na_base_pair_step.i_label_asym_id_1 
_ndb_struct_na_base_pair_step.i_label_comp_id_1 
_ndb_struct_na_base_pair_step.i_label_seq_id_1 
_ndb_struct_na_base_pair_step.i_symmetry_1 
_ndb_struct_na_base_pair_step.j_label_asym_id_1 
_ndb_struct_na_base_pair_step.j_label_comp_id_1 
_ndb_struct_na_base_pair_step.j_label_seq_id_1 
_ndb_struct_na_base_pair_step.j_symmetry_1 
_ndb_struct_na_base_pair_step.i_label_asym_id_2 
_ndb_struct_na_base_pair_step.i_label_comp_id_2 
_ndb_struct_na_base_pair_step.i_label_seq_id_2 
_ndb_struct_na_base_pair_step.i_symmetry_2 
_ndb_struct_na_base_pair_step.j_label_asym_id_2 
_ndb_struct_na_base_pair_step.j_label_comp_id_2 
_ndb_struct_na_base_pair_step.j_label_seq_id_2 
_ndb_struct_na_base_pair_step.j_symmetry_2 
_ndb_struct_na_base_pair_step.shift 
_ndb_struct_na_base_pair_step.slide 
_ndb_struct_na_base_pair_step.rise 
_ndb_struct_na_base_pair_step.tilt 
_ndb_struct_na_base_pair_step.roll 
_ndb_struct_na_base_pair_step.twist 
_ndb_struct_na_base_pair_step.x_displacement 
_ndb_struct_na_base_pair_step.y_displacement 
_ndb_struct_na_base_pair_step.helical_rise 
_ndb_struct_na_base_pair_step.inclination 
_ndb_struct_na_base_pair_step.tip 
_ndb_struct_na_base_pair_step.helical_twist 
_ndb_struct_na_base_pair_step.step_number 
_ndb_struct_na_base_pair_step.step_name 
_ndb_struct_na_base_pair_step.i_auth_asym_id_1 
_ndb_struct_na_base_pair_step.i_auth_seq_id_1 
_ndb_struct_na_base_pair_step.i_PDB_ins_code_1 
_ndb_struct_na_base_pair_step.j_auth_asym_id_1 
_ndb_struct_na_base_pair_step.j_auth_seq_id_1 
_ndb_struct_na_base_pair_step.j_PDB_ins_code_1 
_ndb_struct_na_base_pair_step.i_auth_asym_id_2 
_ndb_struct_na_base_pair_step.i_auth_seq_id_2 
_ndb_struct_na_base_pair_step.i_PDB_ins_code_2 
_ndb_struct_na_base_pair_step.j_auth_asym_id_2 
_ndb_struct_na_base_pair_step.j_auth_seq_id_2 
_ndb_struct_na_base_pair_step.j_PDB_ins_code_2 
1 A DC 1  1_555 B DG 12 1_555 A DG 2  1_555 B DC 11 1_555 -0.119 0.482  3.379 -5.507 6.960  35.263 -0.249 -0.617 3.390 11.270  
8.918  36.328 1 AA_DC1DG2:DC23DG24_BB   A 1  ? B 24 ? A 2  ? B 23 ? 
1 A DG 2  1_555 B DC 11 1_555 A DC 3  1_555 B DG 10 1_555 0.468  0.796  3.625 3.470  -6.102 42.397 1.751  -0.261 3.509 -8.368  
-4.758 42.948 2 AA_DG2DC3:DG22DC23_BB   A 2  ? B 23 ? A 3  ? B 22 ? 
1 A DC 3  1_555 B DG 10 1_555 A DG 4  1_555 B DC 9  1_555 0.054  0.792  2.960 -0.602 6.583  24.845 0.046  -0.280 3.062 14.966  
1.369  25.696 3 AA_DC3DG4:DC21DG22_BB   A 3  ? B 22 ? A 4  ? B 21 ? 
1 A DG 4  1_555 B DC 9  1_555 A DA 6  1_555 B DT 7  1_555 -0.170 0.061  6.921 -1.389 0.445  78.892 0.022  0.054  6.923 0.350   
1.093  78.904 4 AA_DG4DA6:DT19DC21_BB   A 4  ? B 21 ? A 6  ? B 19 ? 
1 A DA 6  1_555 B DT 7  1_555 A DT 7  1_555 B DA 6  1_555 0.253  -0.519 3.215 2.065  -0.922 27.879 -0.858 -0.040 3.240 -1.909  
-4.278 27.968 5 AA_DA6DT7:DA18DT19_BB   A 6  ? B 19 ? A 7  ? B 18 ? 
1 A DT 7  1_555 B DA 6  1_555 A DC 9  1_555 B DG 4  1_555 -0.035 -0.219 7.209 0.125  1.525  79.549 -0.261 0.035  7.205 1.192   
-0.098 79.561 6 AA_DT7DC9:DG16DA18_BB   A 7  ? B 18 ? A 9  ? B 16 ? 
1 A DC 9  1_555 B DG 4  1_555 A DG 10 1_555 B DC 3  1_555 0.070  0.916  2.775 -1.176 2.963  26.845 1.309  -0.408 2.852 6.354   
2.523  27.030 7 AA_DC9DG10:DC15DG16_BB  A 9  ? B 16 ? A 10 ? B 15 ? 
1 A DG 10 1_555 B DC 3  1_555 A DC 11 1_555 B DG 2  1_555 -1.080 0.871  3.195 1.193  -7.462 40.303 2.018  1.667  2.963 -10.716 
-1.713 40.977 8 AA_DG10DC11:DG14DC15_BB A 10 ? B 15 ? A 11 ? B 14 ? 
1 A DC 11 1_555 B DG 2  1_555 A DG 12 1_555 B DC 1  1_555 0.887  0.616  3.656 -0.943 -5.517 36.146 1.819  -1.557 3.504 -8.826  
1.509  36.562 9 AA_DC11DG12:DC13DG14_BB A 11 ? B 14 ? A 12 ? B 13 ? 
# 
_atom_sites.entry_id                    4ITD 
_atom_sites.fract_transf_matrix[1][1]   0.01614187 
_atom_sites.fract_transf_matrix[1][2]   -0.03108610 
_atom_sites.fract_transf_matrix[1][3]   -0.01914735 
_atom_sites.fract_transf_matrix[2][1]   0.00811078 
_atom_sites.fract_transf_matrix[2][2]   -0.00906489 
_atom_sites.fract_transf_matrix[2][3]   0.02155471 
_atom_sites.fract_transf_matrix[3][1]   -0.01300275 
_atom_sites.fract_transf_matrix[3][2]   -0.00775635 
_atom_sites.fract_transf_matrix[3][3]   0.00163083 
_atom_sites.fract_transf_vector[1]      -0.413229 
_atom_sites.fract_transf_vector[2]      0.028425 
_atom_sites.fract_transf_vector[3]      0.128844 
# 
loop_
_atom_type.symbol 
C  
MG 
N  
O  
P  
# 
loop_
_atom_site.group_PDB 
_atom_site.id 
_atom_site.type_symbol 
_atom_site.label_atom_id 
_atom_site.label_alt_id 
_atom_site.label_comp_id 
_atom_site.label_asym_id 
_atom_site.label_entity_id 
_atom_site.label_seq_id 
_atom_site.pdbx_PDB_ins_code 
_atom_site.Cartn_x 
_atom_site.Cartn_y 
_atom_site.Cartn_z 
_atom_site.occupancy 
_atom_site.B_iso_or_equiv 
_atom_site.pdbx_formal_charge 
_atom_site.auth_seq_id 
_atom_site.auth_comp_id 
_atom_site.auth_asym_id 
_atom_site.auth_atom_id 
_atom_site.pdbx_PDB_model_num 
ATOM   1   O  "O5'" . DC  A 1 1  ? -8.514  -15.943 11.405  1.00 47.19  ? 1   DC  A "O5'" 1 
ATOM   2   C  "C5'" . DC  A 1 1  ? -7.158  -15.950 10.877  1.00 39.53  ? 1   DC  A "C5'" 1 
ATOM   3   C  "C4'" . DC  A 1 1  ? -7.156  -16.340 9.426   1.00 35.25  ? 1   DC  A "C4'" 1 
ATOM   4   O  "O4'" . DC  A 1 1  ? -8.289  -15.682 8.823   1.00 37.95  ? 1   DC  A "O4'" 1 
ATOM   5   C  "C3'" . DC  A 1 1  ? -5.994  -15.751 8.655   1.00 38.25  ? 1   DC  A "C3'" 1 
ATOM   6   O  "O3'" . DC  A 1 1  ? -5.686  -16.620 7.587   1.00 42.19  ? 1   DC  A "O3'" 1 
ATOM   7   C  "C2'" . DC  A 1 1  ? -6.500  -14.393 8.240   1.00 37.39  ? 1   DC  A "C2'" 1 
ATOM   8   C  "C1'" . DC  A 1 1  ? -7.887  -14.769 7.831   1.00 37.60  ? 1   DC  A "C1'" 1 
ATOM   9   N  N1    . DC  A 1 1  ? -8.896  -13.693 7.790   1.00 36.75  ? 1   DC  A N1    1 
ATOM   10  C  C2    . DC  A 1 1  ? -9.794  -13.609 6.720   1.00 31.41  ? 1   DC  A C2    1 
ATOM   11  O  O2    . DC  A 1 1  ? -9.666  -14.379 5.769   1.00 32.58  ? 1   DC  A O2    1 
ATOM   12  N  N3    . DC  A 1 1  ? -10.762 -12.676 6.748   1.00 28.01  ? 1   DC  A N3    1 
ATOM   13  C  C4    . DC  A 1 1  ? -10.864 -11.856 7.789   1.00 30.18  ? 1   DC  A C4    1 
ATOM   14  N  N4    . DC  A 1 1  ? -11.826 -10.952 7.780   1.00 34.39  ? 1   DC  A N4    1 
ATOM   15  C  C5    . DC  A 1 1  ? -9.967  -11.914 8.882   1.00 32.75  ? 1   DC  A C5    1 
ATOM   16  C  C6    . DC  A 1 1  ? -9.011  -12.845 8.848   1.00 34.91  ? 1   DC  A C6    1 
ATOM   17  P  P     . DG  A 1 2  ? -4.269  -16.589 6.989   1.00 40.75  ? 2   DG  A P     1 
ATOM   18  O  OP1   . DG  A 1 2  ? -3.635  -17.846 7.217   1.00 51.85  ? 2   DG  A OP1   1 
ATOM   19  O  OP2   . DG  A 1 2  ? -3.639  -15.383 7.409   1.00 44.31  ? 2   DG  A OP2   1 
ATOM   20  O  "O5'" . DG  A 1 2  ? -4.513  -16.470 5.439   1.00 41.26  ? 2   DG  A "O5'" 1 
ATOM   21  C  "C5'" . DG  A 1 2  ? -5.687  -16.902 4.767   1.00 35.71  ? 2   DG  A "C5'" 1 
ATOM   22  C  "C4'" . DG  A 1 2  ? -5.715  -16.231 3.417   1.00 34.86  ? 2   DG  A "C4'" 1 
ATOM   23  O  "O4'" . DG  A 1 2  ? -6.629  -15.145 3.515   1.00 34.02  ? 2   DG  A "O4'" 1 
ATOM   24  C  "C3'" . DG  A 1 2  ? -4.396  -15.626 2.921   1.00 35.56  ? 2   DG  A "C3'" 1 
ATOM   25  O  "O3'" . DG  A 1 2  ? -4.290  -15.718 1.508   1.00 39.84  ? 2   DG  A "O3'" 1 
ATOM   26  C  "C2'" . DG  A 1 2  ? -4.528  -14.163 3.236   1.00 31.03  ? 2   DG  A "C2'" 1 
ATOM   27  C  "C1'" . DG  A 1 2  ? -6.001  -13.943 3.132   1.00 30.76  ? 2   DG  A "C1'" 1 
ATOM   28  N  N9    . DG  A 1 2  ? -6.512  -12.896 3.998   1.00 29.36  ? 2   DG  A N9    1 
ATOM   29  C  C8    . DG  A 1 2  ? -6.073  -12.533 5.247   1.00 26.00  ? 2   DG  A C8    1 
ATOM   30  N  N7    . DG  A 1 2  ? -6.792  -11.591 5.787   1.00 28.93  ? 2   DG  A N7    1 
ATOM   31  C  C5    . DG  A 1 2  ? -7.770  -11.322 4.839   1.00 29.99  ? 2   DG  A C5    1 
ATOM   32  C  C6    . DG  A 1 2  ? -8.798  -10.355 4.829   1.00 27.11  ? 2   DG  A C6    1 
ATOM   33  O  O6    . DG  A 1 2  ? -9.085  -9.537  5.696   1.00 30.96  ? 2   DG  A O6    1 
ATOM   34  N  N1    . DG  A 1 2  ? -9.512  -10.385 3.643   1.00 26.02  ? 2   DG  A N1    1 
ATOM   35  C  C2    . DG  A 1 2  ? -9.288  -11.251 2.610   1.00 25.03  ? 2   DG  A C2    1 
ATOM   36  N  N2    . DG  A 1 2  ? -10.098 -11.148 1.568   1.00 27.18  ? 2   DG  A N2    1 
ATOM   37  N  N3    . DG  A 1 2  ? -8.332  -12.146 2.599   1.00 28.23  ? 2   DG  A N3    1 
ATOM   38  C  C4    . DG  A 1 2  ? -7.604  -12.116 3.728   1.00 28.19  ? 2   DG  A C4    1 
ATOM   39  P  P     . DC  A 1 3  ? -2.955  -15.756 0.822   1.00 37.45  ? 3   DC  A P     1 
ATOM   40  O  OP1   . DC  A 1 3  ? -2.609  -17.116 0.637   1.00 38.82  ? 3   DC  A OP1   1 
ATOM   41  O  OP2   . DC  A 1 3  ? -2.063  -14.909 1.543   1.00 43.78  ? 3   DC  A OP2   1 
ATOM   42  O  "O5'" . DC  A 1 3  ? -3.314  -15.012 -0.509  1.00 37.86  ? 3   DC  A "O5'" 1 
ATOM   43  C  "C5'" . DC  A 1 3  ? -4.693  -14.840 -0.823  1.00 39.37  ? 3   DC  A "C5'" 1 
ATOM   44  C  "C4'" . DC  A 1 3  ? -5.019  -13.461 -1.353  1.00 37.42  ? 3   DC  A "C4'" 1 
ATOM   45  O  "O4'" . DC  A 1 3  ? -5.546  -12.661 -0.284  1.00 37.25  ? 3   DC  A "O4'" 1 
ATOM   46  C  "C3'" . DC  A 1 3  ? -3.883  -12.661 -1.977  1.00 34.35  ? 3   DC  A "C3'" 1 
ATOM   47  O  "O3'" . DC  A 1 3  ? -4.195  -12.318 -3.300  1.00 35.94  ? 3   DC  A "O3'" 1 
ATOM   48  C  "C2'" . DC  A 1 3  ? -3.921  -11.348 -1.240  1.00 35.71  ? 3   DC  A "C2'" 1 
ATOM   49  C  "C1'" . DC  A 1 3  ? -5.239  -11.327 -0.520  1.00 32.49  ? 3   DC  A "C1'" 1 
ATOM   50  N  N1    . DC  A 1 3  ? -5.123  -10.692 0.775   1.00 30.21  ? 3   DC  A N1    1 
ATOM   51  C  C2    . DC  A 1 3  ? -6.052  -9.752  1.137   1.00 26.43  ? 3   DC  A C2    1 
ATOM   52  O  O2    . DC  A 1 3  ? -6.954  -9.489  0.352   1.00 29.51  ? 3   DC  A O2    1 
ATOM   53  N  N3    . DC  A 1 3  ? -5.959  -9.159  2.341   1.00 24.67  ? 3   DC  A N3    1 
ATOM   54  C  C4    . DC  A 1 3  ? -4.972  -9.483  3.165   1.00 23.96  ? 3   DC  A C4    1 
ATOM   55  N  N4    . DC  A 1 3  ? -4.944  -8.910  4.353   1.00 24.83  ? 3   DC  A N4    1 
ATOM   56  C  C5    . DC  A 1 3  ? -3.994  -10.436 2.819   1.00 28.07  ? 3   DC  A C5    1 
ATOM   57  C  C6    . DC  A 1 3  ? -4.104  -11.014 1.623   1.00 29.99  ? 3   DC  A C6    1 
ATOM   58  P  P     . DG  A 1 4  ? -3.110  -11.864 -4.271  1.00 41.82  ? 4   DG  A P     1 
ATOM   59  O  OP1   . DG  A 1 4  ? -3.128  -12.762 -5.380  1.00 52.27  ? 4   DG  A OP1   1 
ATOM   60  O  OP2   . DG  A 1 4  ? -1.870  -11.600 -3.564  1.00 36.57  ? 4   DG  A OP2   1 
ATOM   61  O  "O5'" . DG  A 1 4  ? -3.749  -10.562 -4.878  1.00 40.97  ? 4   DG  A "O5'" 1 
ATOM   62  C  "C5'" . DG  A 1 4  ? -5.124  -10.526 -5.232  1.00 36.62  ? 4   DG  A "C5'" 1 
ATOM   63  C  "C4'" . DG  A 1 4  ? -5.598  -9.112  -5.057  1.00 35.88  ? 4   DG  A "C4'" 1 
ATOM   64  O  "O4'" . DG  A 1 4  ? -5.423  -8.868  -3.661  1.00 37.28  ? 4   DG  A "O4'" 1 
ATOM   65  C  "C3'" . DG  A 1 4  ? -4.761  -8.042  -5.763  1.00 37.33  ? 4   DG  A "C3'" 1 
ATOM   66  O  "O3'" . DG  A 1 4  ? -5.569  -6.910  -6.086  1.00 39.18  ? 4   DG  A "O3'" 1 
ATOM   67  C  "C2'" . DG  A 1 4  ? -3.774  -7.652  -4.689  1.00 36.82  ? 4   DG  A "C2'" 1 
ATOM   68  C  "C1'" . DG  A 1 4  ? -4.703  -7.681  -3.509  1.00 36.19  ? 4   DG  A "C1'" 1 
ATOM   69  N  N9    . DG  A 1 4  ? -4.142  -7.649  -2.166  1.00 30.16  ? 4   DG  A N9    1 
ATOM   70  C  C8    . DG  A 1 4  ? -2.973  -8.210  -1.733  1.00 26.94  ? 4   DG  A C8    1 
ATOM   71  N  N7    . DG  A 1 4  ? -2.732  -7.970  -0.477  1.00 32.02  ? 4   DG  A N7    1 
ATOM   72  C  C5    . DG  A 1 4  ? -3.788  -7.163  -0.070  1.00 30.38  ? 4   DG  A C5    1 
ATOM   73  C  C6    . DG  A 1 4  ? -4.089  -6.592  1.212   1.00 32.07  ? 4   DG  A C6    1 
ATOM   74  O  O6    . DG  A 1 4  ? -3.453  -6.680  2.268   1.00 35.81  ? 4   DG  A O6    1 
ATOM   75  N  N1    . DG  A 1 4  ? -5.263  -5.847  1.175   1.00 29.70  ? 4   DG  A N1    1 
ATOM   76  C  C2    . DG  A 1 4  ? -6.041  -5.665  0.061   1.00 30.02  ? 4   DG  A C2    1 
ATOM   77  N  N2    . DG  A 1 4  ? -7.128  -4.895  0.209   1.00 34.05  ? 4   DG  A N2    1 
ATOM   78  N  N3    . DG  A 1 4  ? -5.783  -6.208  -1.115  1.00 32.32  ? 4   DG  A N3    1 
ATOM   79  C  C4    . DG  A 1 4  ? -4.666  -6.961  -1.099  1.00 27.71  ? 4   DG  A C4    1 
HETATM 80  P  P     . C6G A 1 5  ? -5.317  -6.084  -7.345  1.00 38.09  ? 5   C6G A P     1 
HETATM 81  O  OP1   . C6G A 1 5  ? -3.923  -5.678  -7.362  1.00 37.42  ? 5   C6G A OP1   1 
HETATM 82  O  OP2   . C6G A 1 5  ? -5.933  -6.777  -8.447  1.00 41.59  ? 5   C6G A OP2   1 
HETATM 83  O  "O5'" . C6G A 1 5  ? -6.203  -4.798  -7.133  1.00 37.39  ? 5   C6G A "O5'" 1 
HETATM 84  C  "C5'" . C6G A 1 5  ? -7.458  -4.824  -6.509  1.00 35.12  ? 5   C6G A "C5'" 1 
HETATM 85  C  "C4'" . C6G A 1 5  ? -7.743  -3.528  -5.788  1.00 36.45  ? 5   C6G A "C4'" 1 
HETATM 86  O  "O4'" . C6G A 1 5  ? -7.130  -3.549  -4.485  1.00 39.89  ? 5   C6G A "O4'" 1 
HETATM 87  C  "C1'" . C6G A 1 5  ? -6.154  -2.538  -4.361  1.00 32.71  ? 5   C6G A "C1'" 1 
HETATM 88  N  N9    . C6G A 1 5  ? -4.988  -3.142  -3.731  1.00 28.79  ? 5   C6G A N9    1 
HETATM 89  C  C8    . C6G A 1 5  ? -4.041  -3.933  -4.316  1.00 29.16  ? 5   C6G A C8    1 
HETATM 90  N  N7    . C6G A 1 5  ? -3.130  -4.335  -3.484  1.00 29.31  ? 5   C6G A N7    1 
HETATM 91  C  C5    . C6G A 1 5  ? -3.507  -3.788  -2.277  1.00 25.54  ? 5   C6G A C5    1 
HETATM 92  C  C4    . C6G A 1 5  ? -4.651  -3.043  -2.422  1.00 27.53  ? 5   C6G A C4    1 
HETATM 93  N  N3    . C6G A 1 5  ? -5.332  -2.363  -1.491  1.00 30.41  ? 5   C6G A N3    1 
HETATM 94  C  C2    . C6G A 1 5  ? -4.765  -2.441  -0.310  1.00 29.55  ? 5   C6G A C2    1 
HETATM 95  N  N2    . C6G A 1 5  ? -5.321  -1.808  0.717   1.00 34.23  ? 5   C6G A N2    1 
HETATM 96  N  N1    . C6G A 1 5  ? -3.624  -3.163  -0.050  1.00 29.46  ? 5   C6G A N1    1 
HETATM 97  C  C6    . C6G A 1 5  ? -2.917  -3.898  -0.990  1.00 27.89  ? 5   C6G A C6    1 
HETATM 98  O  O6    . C6G A 1 5  ? -1.914  -4.540  -0.643  1.00 30.05  ? 5   C6G A O6    1 
HETATM 99  C  "C2'" . C6G A 1 5  ? -5.949  -1.987  -5.768  1.00 37.20  ? 5   C6G A "C2'" 1 
HETATM 100 C  "C3'" . C6G A 1 5  ? -7.298  -2.210  -6.405  1.00 38.04  ? 5   C6G A "C3'" 1 
HETATM 101 O  "O3'" . C6G A 1 5  ? -8.198  -1.238  -5.877  1.00 44.41  ? 5   C6G A "O3'" 1 
HETATM 102 C  C     . C6G A 1 5  ? 0.063   -6.152  -0.182  1.00 98.26  ? 5   C6G A C     1 
HETATM 103 O  O     . C6G A 1 5  ? 1.181   -6.043  -1.114  1.00 97.77  ? 5   C6G A O     1 
HETATM 104 O  O7    . C6G A 1 5  ? 0.093   -6.705  1.138   1.00 98.77  ? 5   C6G A O7    1 
HETATM 105 C  CH3   . C6G A 1 5  ? -1.274  -5.757  -0.901  1.00 98.22  ? 5   C6G A CH3   1 
ATOM   106 P  P     . DA  A 1 6  ? -8.206  0.193   -6.393  1.00 40.06  ? 6   DA  A P     1 
ATOM   107 O  OP1   . DA  A 1 6  ? -9.577  0.535   -6.688  1.00 40.85  ? 6   DA  A OP1   1 
ATOM   108 O  OP2   . DA  A 1 6  ? -7.111  0.306   -7.334  1.00 38.69  ? 6   DA  A OP2   1 
ATOM   109 O  "O5'" . DA  A 1 6  ? -7.967  1.071   -5.113  1.00 39.56  ? 6   DA  A "O5'" 1 
ATOM   110 C  "C5'" . DA  A 1 6  ? -8.766  1.041   -3.937  1.00 36.41  ? 6   DA  A "C5'" 1 
ATOM   111 C  "C4'" . DA  A 1 6  ? -8.048  1.806   -2.843  1.00 34.44  ? 6   DA  A "C4'" 1 
ATOM   112 O  "O4'" . DA  A 1 6  ? -6.892  1.082   -2.387  1.00 33.28  ? 6   DA  A "O4'" 1 
ATOM   113 C  "C3'" . DA  A 1 6  ? -7.508  3.168   -3.256  1.00 34.70  ? 6   DA  A "C3'" 1 
ATOM   114 O  "O3'" . DA  A 1 6  ? -7.712  4.086   -2.216  1.00 36.15  ? 6   DA  A "O3'" 1 
ATOM   115 C  "C2'" . DA  A 1 6  ? -6.017  2.943   -3.405  1.00 33.61  ? 6   DA  A "C2'" 1 
ATOM   116 C  "C1'" . DA  A 1 6  ? -5.771  1.933   -2.336  1.00 30.73  ? 6   DA  A "C1'" 1 
ATOM   117 N  N9    . DA  A 1 6  ? -4.578  1.116   -2.508  1.00 27.74  ? 6   DA  A N9    1 
ATOM   118 C  C8    . DA  A 1 6  ? -4.121  0.546   -3.656  1.00 25.67  ? 6   DA  A C8    1 
ATOM   119 N  N7    . DA  A 1 6  ? -3.042  -0.175  -3.494  1.00 25.84  ? 6   DA  A N7    1 
ATOM   120 C  C5    . DA  A 1 6  ? -2.762  -0.055  -2.147  1.00 24.53  ? 6   DA  A C5    1 
ATOM   121 C  C6    . DA  A 1 6  ? -1.727  -0.564  -1.346  1.00 24.68  ? 6   DA  A C6    1 
ATOM   122 N  N6    . DA  A 1 6  ? -0.770  -1.368  -1.794  1.00 25.70  ? 6   DA  A N6    1 
ATOM   123 N  N1    . DA  A 1 6  ? -1.687  -0.180  -0.059  1.00 25.34  ? 6   DA  A N1    1 
ATOM   124 C  C2    . DA  A 1 6  ? -2.670  0.589   0.406   1.00 26.18  ? 6   DA  A C2    1 
ATOM   125 N  N3    . DA  A 1 6  ? -3.723  1.085   -0.231  1.00 26.77  ? 6   DA  A N3    1 
ATOM   126 C  C4    . DA  A 1 6  ? -3.682  0.762   -1.533  1.00 26.45  ? 6   DA  A C4    1 
ATOM   127 P  P     . DT  A 1 7  ? -7.553  5.557   -2.452  1.00 34.94  ? 7   DT  A P     1 
ATOM   128 O  OP1   . DT  A 1 7  ? -8.734  6.195   -2.009  1.00 33.90  ? 7   DT  A OP1   1 
ATOM   129 O  OP2   . DT  A 1 7  ? -6.979  5.794   -3.772  1.00 37.68  ? 7   DT  A OP2   1 
ATOM   130 O  "O5'" . DT  A 1 7  ? -6.434  5.855   -1.426  1.00 35.22  ? 7   DT  A "O5'" 1 
ATOM   131 C  "C5'" . DT  A 1 7  ? -6.490  5.263   -0.172  1.00 32.80  ? 7   DT  A "C5'" 1 
ATOM   132 C  "C4'" . DT  A 1 7  ? -5.099  5.302   0.407   1.00 33.40  ? 7   DT  A "C4'" 1 
ATOM   133 O  "O4'" . DT  A 1 7  ? -4.260  4.430   -0.336  1.00 33.55  ? 7   DT  A "O4'" 1 
ATOM   134 C  "C3'" . DT  A 1 7  ? -4.349  6.626   0.388   1.00 34.21  ? 7   DT  A "C3'" 1 
ATOM   135 O  "O3'" . DT  A 1 7  ? -4.259  7.118   1.703   1.00 34.61  ? 7   DT  A "O3'" 1 
ATOM   136 C  "C2'" . DT  A 1 7  ? -2.964  6.240   -0.095  1.00 33.36  ? 7   DT  A "C2'" 1 
ATOM   137 C  "C1'" . DT  A 1 7  ? -2.975  4.757   0.020   1.00 30.31  ? 7   DT  A "C1'" 1 
ATOM   138 N  N1    . DT  A 1 7  ? -2.084  4.037   -0.860  1.00 28.80  ? 7   DT  A N1    1 
ATOM   139 C  C2    . DT  A 1 7  ? -1.083  3.273   -0.301  1.00 27.60  ? 7   DT  A C2    1 
ATOM   140 O  O2    . DT  A 1 7  ? -0.868  3.203   0.889   1.00 32.62  ? 7   DT  A O2    1 
ATOM   141 N  N3    . DT  A 1 7  ? -0.309  2.606   -1.187  1.00 28.54  ? 7   DT  A N3    1 
ATOM   142 C  C4    . DT  A 1 7  ? -0.470  2.554   -2.536  1.00 27.06  ? 7   DT  A C4    1 
ATOM   143 O  O4    . DT  A 1 7  ? 0.330   1.922   -3.198  1.00 30.49  ? 7   DT  A O4    1 
ATOM   144 C  C5    . DT  A 1 7  ? -1.562  3.340   -3.066  1.00 26.86  ? 7   DT  A C5    1 
ATOM   145 C  C7    . DT  A 1 7  ? -1.780  3.374   -4.543  1.00 29.25  ? 7   DT  A C7    1 
ATOM   146 C  C6    . DT  A 1 7  ? -2.313  4.033   -2.210  1.00 27.17  ? 7   DT  A C6    1 
ATOM   147 P  P     . DT  A 1 8  ? -3.819  8.504   1.983   1.00 36.72  ? 8   DT  A P     1 
ATOM   148 O  OP1   . DT  A 1 8  ? -4.481  8.915   3.199   1.00 36.41  ? 8   DT  A OP1   1 
ATOM   149 O  OP2   . DT  A 1 8  ? -3.794  9.258   0.791   1.00 39.88  ? 8   DT  A OP2   1 
ATOM   150 O  "O5'" . DT  A 1 8  ? -2.280  8.376   2.142   1.00 36.89  ? 8   DT  A "O5'" 1 
ATOM   151 C  "C5'" . DT  A 1 8  ? -1.887  7.860   3.405   1.00 44.42  ? 8   DT  A "C5'" 1 
ATOM   152 C  "C4'" . DT  A 1 8  ? -0.446  7.403   3.447   1.00 41.28  ? 8   DT  A "C4'" 1 
ATOM   153 O  "O4'" . DT  A 1 8  ? -0.175  6.558   2.342   1.00 37.42  ? 8   DT  A "O4'" 1 
ATOM   154 C  "C3'" . DT  A 1 8  ? 0.560   8.536   3.374   1.00 40.98  ? 8   DT  A "C3'" 1 
ATOM   155 O  "O3'" . DT  A 1 8  ? 0.977   8.770   4.705   1.00 38.54  ? 8   DT  A "O3'" 1 
ATOM   156 C  "C2'" . DT  A 1 8  ? 1.570   8.073   2.351   1.00 41.16  ? 8   DT  A "C2'" 1 
ATOM   157 C  "C1'" . DT  A 1 8  ? 1.157   6.674   2.006   1.00 36.46  ? 8   DT  A "C1'" 1 
ATOM   158 N  N1    . DT  A 1 8  ? 1.265   6.364   0.602   1.00 36.71  ? 8   DT  A N1    1 
ATOM   159 C  C2    . DT  A 1 8  ? 2.183   5.412   0.264   1.00 33.54  ? 8   DT  A C2    1 
ATOM   160 O  O2    . DT  A 1 8  ? 2.925   4.906   1.075   1.00 35.19  ? 8   DT  A O2    1 
ATOM   161 N  N3    . DT  A 1 8  ? 2.257   5.126   -1.073  1.00 37.90  ? 8   DT  A N3    1 
ATOM   162 C  C4    . DT  A 1 8  ? 1.502   5.681   -2.081  1.00 37.17  ? 8   DT  A C4    1 
ATOM   163 O  O4    . DT  A 1 8  ? 1.676   5.313   -3.232  1.00 40.45  ? 8   DT  A O4    1 
ATOM   164 C  C5    . DT  A 1 8  ? 0.525   6.662   -1.652  1.00 36.12  ? 8   DT  A C5    1 
ATOM   165 C  C7    . DT  A 1 8  ? -0.351  7.310   -2.675  1.00 35.63  ? 8   DT  A C7    1 
ATOM   166 C  C6    . DT  A 1 8  ? 0.454   6.949   -0.347  1.00 37.47  ? 8   DT  A C6    1 
ATOM   167 P  P     . DC  A 1 9  ? 2.211   9.588   5.021   1.00 42.96  ? 9   DC  A P     1 
ATOM   168 O  OP1   . DC  A 1 9  ? 2.278   9.604   6.446   1.00 41.94  ? 9   DC  A OP1   1 
ATOM   169 O  OP2   . DC  A 1 9  ? 2.340   10.778  4.131   1.00 39.08  ? 9   DC  A OP2   1 
ATOM   170 O  "O5'" . DC  A 1 9  ? 3.389   8.631   4.595   1.00 47.64  ? 9   DC  A "O5'" 1 
ATOM   171 C  "C5'" . DC  A 1 9  ? 4.048   7.783   5.517   1.00 43.16  ? 9   DC  A "C5'" 1 
ATOM   172 C  "C4'" . DC  A 1 9  ? 5.337   7.337   4.877   1.00 41.28  ? 9   DC  A "C4'" 1 
ATOM   173 O  "O4'" . DC  A 1 9  ? 5.077   6.979   3.510   1.00 39.91  ? 9   DC  A "O4'" 1 
ATOM   174 C  "C3'" . DC  A 1 9  ? 6.388   8.433   4.817   1.00 41.41  ? 9   DC  A "C3'" 1 
ATOM   175 O  "O3'" . DC  A 1 9  ? 7.448   8.099   5.719   1.00 45.52  ? 9   DC  A "O3'" 1 
ATOM   176 C  "C2'" . DC  A 1 9  ? 6.778   8.500   3.348   1.00 41.53  ? 9   DC  A "C2'" 1 
ATOM   177 C  "C1'" . DC  A 1 9  ? 6.201   7.245   2.733   1.00 37.98  ? 9   DC  A "C1'" 1 
ATOM   178 N  N1    . DC  A 1 9  ? 5.738   7.400   1.351   1.00 36.57  ? 9   DC  A N1    1 
ATOM   179 C  C2    . DC  A 1 9  ? 6.389   6.750   0.294   1.00 34.29  ? 9   DC  A C2    1 
ATOM   180 O  O2    . DC  A 1 9  ? 7.387   6.066   0.524   1.00 38.21  ? 9   DC  A O2    1 
ATOM   181 N  N3    . DC  A 1 9  ? 5.929   6.909   -0.958  1.00 35.20  ? 9   DC  A N3    1 
ATOM   182 C  C4    . DC  A 1 9  ? 4.874   7.691   -1.182  1.00 38.72  ? 9   DC  A C4    1 
ATOM   183 N  N4    . DC  A 1 9  ? 4.451   7.822   -2.438  1.00 42.59  ? 9   DC  A N4    1 
ATOM   184 C  C5    . DC  A 1 9  ? 4.191   8.361   -0.126  1.00 38.27  ? 9   DC  A C5    1 
ATOM   185 C  C6    . DC  A 1 9  ? 4.636   8.169   1.115   1.00 36.88  ? 9   DC  A C6    1 
ATOM   186 P  P     . DG  A 1 10 ? 8.458   9.193   6.170   1.00 46.85  ? 10  DG  A P     1 
ATOM   187 O  OP1   . DG  A 1 10 ? 8.352   9.302   7.601   1.00 46.70  ? 10  DG  A OP1   1 
ATOM   188 O  OP2   . DG  A 1 10 ? 8.233   10.393  5.375   1.00 53.29  ? 10  DG  A OP2   1 
ATOM   189 O  "O5'" . DG  A 1 10 ? 9.845   8.676   5.580   1.00 47.47  ? 10  DG  A "O5'" 1 
ATOM   190 C  "C5'" . DG  A 1 10 ? 10.052  7.362   4.996   1.00 44.33  ? 10  DG  A "C5'" 1 
ATOM   191 C  "C4'" . DG  A 1 10 ? 11.043  7.442   3.860   1.00 42.63  ? 10  DG  A "C4'" 1 
ATOM   192 O  "O4'" . DG  A 1 10 ? 10.311  7.530   2.614   1.00 42.96  ? 10  DG  A "O4'" 1 
ATOM   193 C  "C3'" . DG  A 1 10 ? 11.912  8.695   3.894   1.00 43.28  ? 10  DG  A "C3'" 1 
ATOM   194 O  "O3'" . DG  A 1 10 ? 13.155  8.519   3.240   1.00 45.34  ? 10  DG  A "O3'" 1 
ATOM   195 C  "C2'" . DG  A 1 10 ? 11.128  9.650   3.029   1.00 40.23  ? 10  DG  A "C2'" 1 
ATOM   196 C  "C1'" . DG  A 1 10 ? 10.707  8.713   1.951   1.00 37.86  ? 10  DG  A "C1'" 1 
ATOM   197 N  N9    . DG  A 1 10 ? 9.614   9.157   1.110   1.00 36.10  ? 10  DG  A N9    1 
ATOM   198 C  C8    . DG  A 1 10 ? 8.657   10.094  1.396   1.00 36.14  ? 10  DG  A C8    1 
ATOM   199 N  N7    . DG  A 1 10 ? 7.841   10.308  0.404   1.00 35.18  ? 10  DG  A N7    1 
ATOM   200 C  C5    . DG  A 1 10 ? 8.298   9.467   -0.600  1.00 37.51  ? 10  DG  A C5    1 
ATOM   201 C  C6    . DG  A 1 10 ? 7.810   9.247   -1.909  1.00 36.03  ? 10  DG  A C6    1 
ATOM   202 O  O6    . DG  A 1 10 ? 6.817   9.743   -2.455  1.00 35.35  ? 10  DG  A O6    1 
ATOM   203 N  N1    . DG  A 1 10 ? 8.579   8.310   -2.584  1.00 33.93  ? 10  DG  A N1    1 
ATOM   204 C  C2    . DG  A 1 10 ? 9.681   7.687   -2.078  1.00 29.92  ? 10  DG  A C2    1 
ATOM   205 N  N2    . DG  A 1 10 ? 10.285  6.831   -2.879  1.00 33.11  ? 10  DG  A N2    1 
ATOM   206 N  N3    . DG  A 1 10 ? 10.119  7.849   -0.857  1.00 33.02  ? 10  DG  A N3    1 
ATOM   207 C  C4    . DG  A 1 10 ? 9.405   8.768   -0.184  1.00 34.31  ? 10  DG  A C4    1 
ATOM   208 P  P     . DC  A 1 11 ? 14.451  8.488   4.039   1.00 45.77  ? 11  DC  A P     1 
ATOM   209 O  OP1   . DC  A 1 11 ? 14.216  7.686   5.236   1.00 51.32  ? 11  DC  A OP1   1 
ATOM   210 O  OP2   . DC  A 1 11 ? 14.986  9.835   4.103   1.00 41.98  ? 11  DC  A OP2   1 
ATOM   211 O  "O5'" . DC  A 1 11 ? 15.420  7.604   3.127   1.00 55.02  ? 11  DC  A "O5'" 1 
ATOM   212 C  "C5'" . DC  A 1 11 ? 15.289  6.162   2.869   1.00 48.98  ? 11  DC  A "C5'" 1 
ATOM   213 C  "C4'" . DC  A 1 11 ? 15.637  5.861   1.421   1.00 48.88  ? 11  DC  A "C4'" 1 
ATOM   214 O  "O4'" . DC  A 1 11 ? 14.542  6.355   0.610   1.00 48.79  ? 11  DC  A "O4'" 1 
ATOM   215 C  "C3'" . DC  A 1 11 ? 16.909  6.549   0.893   1.00 52.10  ? 11  DC  A "C3'" 1 
ATOM   216 O  "O3'" . DC  A 1 11 ? 17.989  5.789   0.313   1.00 58.46  ? 11  DC  A "O3'" 1 
ATOM   217 C  "C2'" . DC  A 1 11 ? 16.409  7.516   -0.165  1.00 52.05  ? 11  DC  A "C2'" 1 
ATOM   218 C  "C1'" . DC  A 1 11 ? 15.008  7.072   -0.506  1.00 45.97  ? 11  DC  A "C1'" 1 
ATOM   219 N  N1    . DC  A 1 11 ? 14.118  8.218   -0.716  1.00 41.68  ? 11  DC  A N1    1 
ATOM   220 C  C2    . DC  A 1 11 ? 13.445  8.347   -1.927  1.00 41.87  ? 11  DC  A C2    1 
ATOM   221 O  O2    . DC  A 1 11 ? 13.560  7.450   -2.773  1.00 47.34  ? 11  DC  A O2    1 
ATOM   222 N  N3    . DC  A 1 11 ? 12.651  9.421   -2.128  1.00 42.06  ? 11  DC  A N3    1 
ATOM   223 C  C4    . DC  A 1 11 ? 12.553  10.362  -1.186  1.00 38.85  ? 11  DC  A C4    1 
ATOM   224 N  N4    . DC  A 1 11 ? 11.763  11.411  -1.419  1.00 39.21  ? 11  DC  A N4    1 
ATOM   225 C  C5    . DC  A 1 11 ? 13.275  10.280  0.030   1.00 39.69  ? 11  DC  A C5    1 
ATOM   226 C  C6    . DC  A 1 11 ? 14.034  9.200   0.226   1.00 38.17  ? 11  DC  A C6    1 
ATOM   227 P  P     . DG  A 1 12 ? 19.463  6.518   -0.003  1.00 63.42  ? 12  DG  A P     1 
ATOM   228 O  OP1   . DG  A 1 12 ? 20.501  5.744   0.690   1.00 60.92  ? 12  DG  A OP1   1 
ATOM   229 O  OP2   . DG  A 1 12 ? 19.386  7.992   0.219   1.00 57.99  ? 12  DG  A OP2   1 
ATOM   230 O  "O5'" . DG  A 1 12 ? 19.640  6.360   -1.585  1.00 58.66  ? 12  DG  A "O5'" 1 
ATOM   231 C  "C5'" . DG  A 1 12 ? 18.759  5.493   -2.346  1.00 52.44  ? 12  DG  A "C5'" 1 
ATOM   232 C  "C4'" . DG  A 1 12 ? 18.656  5.993   -3.762  1.00 45.98  ? 12  DG  A "C4'" 1 
ATOM   233 O  "O4'" . DG  A 1 12 ? 17.542  6.898   -3.817  1.00 44.26  ? 12  DG  A "O4'" 1 
ATOM   234 C  "C3'" . DG  A 1 12 ? 19.884  6.771   -4.234  1.00 46.08  ? 12  DG  A "C3'" 1 
ATOM   235 O  "O3'" . DG  A 1 12 ? 20.297  6.451   -5.560  1.00 55.60  ? 12  DG  A "O3'" 1 
ATOM   236 C  "C2'" . DG  A 1 12 ? 19.428  8.209   -4.239  1.00 43.74  ? 12  DG  A "C2'" 1 
ATOM   237 C  "C1'" . DG  A 1 12 ? 17.931  8.121   -4.398  1.00 41.15  ? 12  DG  A "C1'" 1 
ATOM   238 N  N9    . DG  A 1 12 ? 17.255  9.200   -3.691  1.00 38.70  ? 12  DG  A N9    1 
ATOM   239 C  C8    . DG  A 1 12 ? 17.603  9.699   -2.464  1.00 35.50  ? 12  DG  A C8    1 
ATOM   240 N  N7    . DG  A 1 12 ? 16.875  10.711  -2.102  1.00 36.40  ? 12  DG  A N7    1 
ATOM   241 C  C5    . DG  A 1 12 ? 16.009  10.902  -3.160  1.00 34.36  ? 12  DG  A C5    1 
ATOM   242 C  C6    . DG  A 1 12 ? 14.990  11.838  -3.327  1.00 38.09  ? 12  DG  A C6    1 
ATOM   243 O  O6    . DG  A 1 12 ? 14.626  12.724  -2.544  1.00 48.18  ? 12  DG  A O6    1 
ATOM   244 N  N1    . DG  A 1 12 ? 14.357  11.687  -4.551  1.00 38.52  ? 12  DG  A N1    1 
ATOM   245 C  C2    . DG  A 1 12 ? 14.680  10.754  -5.492  1.00 33.87  ? 12  DG  A C2    1 
ATOM   246 N  N2    . DG  A 1 12 ? 13.962  10.769  -6.607  1.00 36.30  ? 12  DG  A N2    1 
ATOM   247 N  N3    . DG  A 1 12 ? 15.628  9.863   -5.340  1.00 35.16  ? 12  DG  A N3    1 
ATOM   248 C  C4    . DG  A 1 12 ? 16.252  9.996   -4.160  1.00 34.33  ? 12  DG  A C4    1 
ATOM   249 O  "O5'" . DC  B 1 1  ? 9.197   18.148  -8.161  1.00 52.67  ? 13  DC  B "O5'" 1 
ATOM   250 C  "C5'" . DC  B 1 1  ? 9.045   17.744  -9.524  1.00 50.18  ? 13  DC  B "C5'" 1 
ATOM   251 C  "C4'" . DC  B 1 1  ? 9.360   16.271  -9.655  1.00 49.86  ? 13  DC  B "C4'" 1 
ATOM   252 O  "O4'" . DC  B 1 1  ? 10.452  15.837  -8.800  1.00 51.99  ? 13  DC  B "O4'" 1 
ATOM   253 C  "C3'" . DC  B 1 1  ? 8.215   15.330  -9.319  1.00 48.66  ? 13  DC  B "C3'" 1 
ATOM   254 O  "O3'" . DC  B 1 1  ? 8.338   14.363  -10.332 1.00 55.33  ? 13  DC  B "O3'" 1 
ATOM   255 C  "C2'" . DC  B 1 1  ? 8.616   14.718  -7.990  1.00 45.64  ? 13  DC  B "C2'" 1 
ATOM   256 C  "C1'" . DC  B 1 1  ? 10.111  14.666  -8.109  1.00 39.97  ? 13  DC  B "C1'" 1 
ATOM   257 N  N1    . DC  B 1 1  ? 10.781  14.712  -6.832  1.00 36.17  ? 13  DC  B N1    1 
ATOM   258 C  C2    . DC  B 1 1  ? 11.630  13.687  -6.480  1.00 31.65  ? 13  DC  B C2    1 
ATOM   259 O  O2    . DC  B 1 1  ? 11.832  12.789  -7.282  1.00 34.65  ? 13  DC  B O2    1 
ATOM   260 N  N3    . DC  B 1 1  ? 12.249  13.719  -5.288  1.00 41.24  ? 13  DC  B N3    1 
ATOM   261 C  C4    . DC  B 1 1  ? 12.044  14.743  -4.460  1.00 47.37  ? 13  DC  B C4    1 
ATOM   262 N  N4    . DC  B 1 1  ? 12.697  14.751  -3.293  1.00 52.59  ? 13  DC  B N4    1 
ATOM   263 C  C5    . DC  B 1 1  ? 11.197  15.826  -4.806  1.00 48.15  ? 13  DC  B C5    1 
ATOM   264 C  C6    . DC  B 1 1  ? 10.595  15.773  -5.996  1.00 44.52  ? 13  DC  B C6    1 
ATOM   265 P  P     . DG  B 1 2  ? 7.090   13.640  -10.874 1.00 56.85  ? 14  DG  B P     1 
ATOM   266 O  OP1   . DG  B 1 2  ? 6.578   14.460  -12.003 1.00 49.46  ? 14  DG  B OP1   1 
ATOM   267 O  OP2   . DG  B 1 2  ? 6.213   13.320  -9.713  1.00 42.73  ? 14  DG  B OP2   1 
ATOM   268 O  "O5'" . DG  B 1 2  ? 7.725   12.272  -11.411 1.00 51.87  ? 14  DG  B "O5'" 1 
ATOM   269 C  "C5'" . DG  B 1 2  ? 9.067   12.178  -11.924 1.00 41.82  ? 14  DG  B "C5'" 1 
ATOM   270 C  "C4'" . DG  B 1 2  ? 9.590   10.790  -11.673 1.00 38.14  ? 14  DG  B "C4'" 1 
ATOM   271 O  "O4'" . DG  B 1 2  ? 10.149  10.782  -10.361 1.00 39.19  ? 14  DG  B "O4'" 1 
ATOM   272 C  "C3'" . DG  B 1 2  ? 8.536   9.697   -11.680 1.00 39.11  ? 14  DG  B "C3'" 1 
ATOM   273 O  "O3'" . DG  B 1 2  ? 9.009   8.512   -12.282 1.00 42.24  ? 14  DG  B "O3'" 1 
ATOM   274 C  "C2'" . DG  B 1 2  ? 8.322   9.404   -10.221 1.00 41.29  ? 14  DG  B "C2'" 1 
ATOM   275 C  "C1'" . DG  B 1 2  ? 9.643   9.718   -9.600  1.00 35.98  ? 14  DG  B "C1'" 1 
ATOM   276 N  N9    . DG  B 1 2  ? 9.500   10.190  -8.229  1.00 33.69  ? 14  DG  B N9    1 
ATOM   277 C  C8    . DG  B 1 2  ? 8.559   11.095  -7.817  1.00 31.26  ? 14  DG  B C8    1 
ATOM   278 N  N7    . DG  B 1 2  ? 8.613   11.346  -6.542  1.00 29.76  ? 14  DG  B N7    1 
ATOM   279 C  C5    . DG  B 1 2  ? 9.667   10.579  -6.085  1.00 28.95  ? 14  DG  B C5    1 
ATOM   280 C  C6    . DG  B 1 2  ? 10.217  10.480  -4.798  1.00 31.29  ? 14  DG  B C6    1 
ATOM   281 O  O6    . DG  B 1 2  ? 9.864   11.057  -3.771  1.00 37.42  ? 14  DG  B O6    1 
ATOM   282 N  N1    . DG  B 1 2  ? 11.264  9.565   -4.755  1.00 37.75  ? 14  DG  B N1    1 
ATOM   283 C  C2    . DG  B 1 2  ? 11.732  8.858   -5.826  1.00 32.95  ? 14  DG  B C2    1 
ATOM   284 N  N2    . DG  B 1 2  ? 12.755  8.035   -5.577  1.00 32.95  ? 14  DG  B N2    1 
ATOM   285 N  N3    . DG  B 1 2  ? 11.246  8.971   -7.054  1.00 32.94  ? 14  DG  B N3    1 
ATOM   286 C  C4    . DG  B 1 2  ? 10.215  9.841   -7.107  1.00 30.23  ? 14  DG  B C4    1 
ATOM   287 P  P     . DC  B 1 3  ? 8.037   7.369   -12.729 1.00 40.38  ? 15  DC  B P     1 
ATOM   288 O  OP1   . DC  B 1 3  ? 8.431   6.969   -14.053 1.00 46.98  ? 15  DC  B OP1   1 
ATOM   289 O  OP2   . DC  B 1 3  ? 6.673   7.748   -12.463 1.00 40.47  ? 15  DC  B OP2   1 
ATOM   290 O  "O5'" . DC  B 1 3  ? 8.500   6.170   -11.809 1.00 40.53  ? 15  DC  B "O5'" 1 
ATOM   291 C  "C5'" . DC  B 1 3  ? 9.891   5.843   -11.674 1.00 38.38  ? 15  DC  B "C5'" 1 
ATOM   292 C  "C4'" . DC  B 1 3  ? 10.147  5.065   -10.409 1.00 38.06  ? 15  DC  B "C4'" 1 
ATOM   293 O  "O4'" . DC  B 1 3  ? 10.075  5.939   -9.272  1.00 41.57  ? 15  DC  B "O4'" 1 
ATOM   294 C  "C3'" . DC  B 1 3  ? 9.154   3.953   -10.152 1.00 39.17  ? 15  DC  B "C3'" 1 
ATOM   295 O  "O3'" . DC  B 1 3  ? 9.820   2.720   -10.326 1.00 42.77  ? 15  DC  B "O3'" 1 
ATOM   296 C  "C2'" . DC  B 1 3  ? 8.778   4.100   -8.690  1.00 38.34  ? 15  DC  B "C2'" 1 
ATOM   297 C  "C1'" . DC  B 1 3  ? 9.562   5.272   -8.154  1.00 35.69  ? 15  DC  B "C1'" 1 
ATOM   298 N  N1    . DC  B 1 3  ? 8.726   6.224   -7.425  1.00 32.46  ? 15  DC  B N1    1 
ATOM   299 C  C2    . DC  B 1 3  ? 8.991   6.493   -6.094  1.00 28.36  ? 15  DC  B C2    1 
ATOM   300 O  O2    . DC  B 1 3  ? 9.948   5.941   -5.556  1.00 30.96  ? 15  DC  B O2    1 
ATOM   301 N  N3    . DC  B 1 3  ? 8.206   7.354   -5.428  1.00 29.18  ? 15  DC  B N3    1 
ATOM   302 C  C4    . DC  B 1 3  ? 7.198   7.951   -6.051  1.00 27.87  ? 15  DC  B C4    1 
ATOM   303 N  N4    . DC  B 1 3  ? 6.461   8.803   -5.362  1.00 30.83  ? 15  DC  B N4    1 
ATOM   304 C  C5    . DC  B 1 3  ? 6.899   7.694   -7.407  1.00 29.63  ? 15  DC  B C5    1 
ATOM   305 C  C6    . DC  B 1 3  ? 7.689   6.842   -8.056  1.00 31.24  ? 15  DC  B C6    1 
ATOM   306 P  P     . DG  B 1 4  ? 8.994   1.433   -10.527 1.00 40.44  ? 16  DG  B P     1 
ATOM   307 O  OP1   . DG  B 1 4  ? 9.666   0.599   -11.533 1.00 43.70  ? 16  DG  B OP1   1 
ATOM   308 O  OP2   . DG  B 1 4  ? 7.614   1.826   -10.696 1.00 45.32  ? 16  DG  B OP2   1 
ATOM   309 O  "O5'" . DG  B 1 4  ? 9.119   0.704   -9.137  1.00 42.79  ? 16  DG  B "O5'" 1 
ATOM   310 C  "C5'" . DG  B 1 4  ? 10.400  0.499   -8.551  1.00 43.76  ? 16  DG  B "C5'" 1 
ATOM   311 C  "C4'" . DG  B 1 4  ? 10.275  0.262   -7.069  1.00 41.90  ? 16  DG  B "C4'" 1 
ATOM   312 O  "O4'" . DG  B 1 4  ? 9.705   1.413   -6.417  1.00 38.49  ? 16  DG  B "O4'" 1 
ATOM   313 C  "C3'" . DG  B 1 4  ? 9.369   -0.905  -6.705  1.00 43.26  ? 16  DG  B "C3'" 1 
ATOM   314 O  "O3'" . DG  B 1 4  ? 9.866   -1.270  -5.459  1.00 47.39  ? 16  DG  B "O3'" 1 
ATOM   315 C  "C2'" . DG  B 1 4  ? 8.046   -0.243  -6.441  1.00 40.17  ? 16  DG  B "C2'" 1 
ATOM   316 C  "C1'" . DG  B 1 4  ? 8.511   1.031   -5.767  1.00 36.79  ? 16  DG  B "C1'" 1 
ATOM   317 N  N9    . DG  B 1 4  ? 7.578   2.150   -5.836  1.00 33.82  ? 16  DG  B N9    1 
ATOM   318 C  C8    . DG  B 1 4  ? 6.644   2.418   -6.802  1.00 33.42  ? 16  DG  B C8    1 
ATOM   319 N  N7    . DG  B 1 4  ? 5.931   3.478   -6.546  1.00 31.82  ? 16  DG  B N7    1 
ATOM   320 C  C5    . DG  B 1 4  ? 6.406   3.915   -5.325  1.00 30.08  ? 16  DG  B C5    1 
ATOM   321 C  C6    . DG  B 1 4  ? 6.020   5.009   -4.556  1.00 28.52  ? 16  DG  B C6    1 
ATOM   322 O  O6    . DG  B 1 4  ? 5.126   5.820   -4.790  1.00 32.28  ? 16  DG  B O6    1 
ATOM   323 N  N1    . DG  B 1 4  ? 6.736   5.069   -3.358  1.00 31.53  ? 16  DG  B N1    1 
ATOM   324 C  C2    . DG  B 1 4  ? 7.731   4.192   -2.983  1.00 29.41  ? 16  DG  B C2    1 
ATOM   325 N  N2    . DG  B 1 4  ? 8.334   4.416   -1.815  1.00 29.32  ? 16  DG  B N2    1 
ATOM   326 N  N3    . DG  B 1 4  ? 8.123   3.181   -3.723  1.00 33.05  ? 16  DG  B N3    1 
ATOM   327 C  C4    . DG  B 1 4  ? 7.414   3.093   -4.867  1.00 31.83  ? 16  DG  B C4    1 
HETATM 328 P  P     . C6G B 1 5  ? 9.834   -2.688  -5.020  1.00 49.46  ? 17  C6G B P     1 
HETATM 329 O  OP1   . C6G B 1 5  ? 11.084  -3.342  -5.416  1.00 47.79  ? 17  C6G B OP1   1 
HETATM 330 O  OP2   . C6G B 1 5  ? 8.532   -3.238  -5.441  1.00 56.30  ? 17  C6G B OP2   1 
HETATM 331 O  "O5'" . C6G B 1 5  ? 9.991   -2.482  -3.464  1.00 44.32  ? 17  C6G B "O5'" 1 
HETATM 332 C  "C5'" . C6G B 1 5  ? 10.767  -1.402  -2.986  1.00 40.50  ? 17  C6G B "C5'" 1 
HETATM 333 C  "C4'" . C6G B 1 5  ? 10.416  -1.120  -1.550  1.00 41.64  ? 17  C6G B "C4'" 1 
HETATM 334 O  "O4'" . C6G B 1 5  ? 9.391   -0.123  -1.495  1.00 40.56  ? 17  C6G B "O4'" 1 
HETATM 335 C  "C1'" . C6G B 1 5  ? 8.176   -0.707  -1.086  1.00 40.47  ? 17  C6G B "C1'" 1 
HETATM 336 N  N9    . C6G B 1 5  ? 7.138   -0.243  -1.989  1.00 39.57  ? 17  C6G B N9    1 
HETATM 337 C  C8    . C6G B 1 5  ? 6.736   -0.801  -3.179  1.00 37.42  ? 17  C6G B C8    1 
HETATM 338 N  N7    . C6G B 1 5  ? 5.770   -0.141  -3.752  1.00 35.88  ? 17  C6G B N7    1 
HETATM 339 C  C5    . C6G B 1 5  ? 5.519   0.913   -2.890  1.00 31.28  ? 17  C6G B C5    1 
HETATM 340 C  C4    . C6G B 1 5  ? 6.343   0.851   -1.788  1.00 31.66  ? 17  C6G B C4    1 
HETATM 341 N  N3    . C6G B 1 5  ? 6.376   1.661   -0.715  1.00 28.64  ? 17  C6G B N3    1 
HETATM 342 C  C2    . C6G B 1 5  ? 5.476   2.616   -0.800  1.00 27.06  ? 17  C6G B C2    1 
HETATM 343 N  N2    . C6G B 1 5  ? 5.371   3.513   0.173   1.00 29.57  ? 17  C6G B N2    1 
HETATM 344 N  N1    . C6G B 1 5  ? 4.614   2.766   -1.855  1.00 27.70  ? 17  C6G B N1    1 
HETATM 345 C  C6    . C6G B 1 5  ? 4.555   1.935   -2.962  1.00 28.64  ? 17  C6G B C6    1 
HETATM 346 O  O6    . C6G B 1 5  ? 3.745   2.162   -3.860  1.00 32.52  ? 17  C6G B O6    1 
HETATM 347 C  "C2'" . C6G B 1 5  ? 8.375   -2.204  -1.111  1.00 44.32  ? 17  C6G B "C2'" 1 
HETATM 348 C  "C3'" . C6G B 1 5  ? 9.844   -2.293  -0.774  1.00 47.63  ? 17  C6G B "C3'" 1 
HETATM 349 O  "O3'" . C6G B 1 5  ? 10.094  -1.992  0.598   1.00 54.11  ? 17  C6G B "O3'" 1 
HETATM 350 C  C     . C6G B 1 5  ? 2.497   2.381   -6.276  1.00 99.30  ? 17  C6G B C     1 
HETATM 351 O  O     . C6G B 1 5  ? 2.011   1.158   -6.992  1.00 94.73  ? 17  C6G B O     1 
HETATM 352 O  O7    . C6G B 1 5  ? 1.917   3.706   -6.269  1.00 100.02 ? 17  C6G B O7    1 
HETATM 353 C  CH3   . C6G B 1 5  ? 3.677   2.024   -5.381  1.00 98.70  ? 17  C6G B CH3   1 
ATOM   354 P  P     . DA  B 1 6  ? 9.913   -3.068  1.763   1.00 50.38  ? 18  DA  B P     1 
ATOM   355 O  OP1   . DA  B 1 6  ? 11.105  -2.999  2.627   1.00 53.98  ? 18  DA  B OP1   1 
ATOM   356 O  OP2   . DA  B 1 6  ? 9.521   -4.359  1.172   1.00 47.57  ? 18  DA  B OP2   1 
ATOM   357 O  "O5'" . DA  B 1 6  ? 8.833   -2.335  2.682   1.00 51.00  ? 18  DA  B "O5'" 1 
ATOM   358 C  "C5'" . DA  B 1 6  ? 9.031   -0.948  3.018   1.00 45.26  ? 18  DA  B "C5'" 1 
ATOM   359 C  "C4'" . DA  B 1 6  ? 7.856   -0.365  3.762   1.00 42.38  ? 18  DA  B "C4'" 1 
ATOM   360 O  "O4'" . DA  B 1 6  ? 6.899   0.205   2.835   1.00 41.95  ? 18  DA  B "O4'" 1 
ATOM   361 C  "C3'" . DA  B 1 6  ? 7.085   -1.327  4.649   1.00 40.14  ? 18  DA  B "C3'" 1 
ATOM   362 O  "O3'" . DA  B 1 6  ? 6.822   -0.644  5.868   1.00 44.18  ? 18  DA  B "O3'" 1 
ATOM   363 C  "C2'" . DA  B 1 6  ? 5.838   -1.599  3.838   1.00 39.84  ? 18  DA  B "C2'" 1 
ATOM   364 C  "C1'" . DA  B 1 6  ? 5.629   -0.315  3.055   1.00 34.65  ? 18  DA  B "C1'" 1 
ATOM   365 N  N9    . DA  B 1 6  ? 5.025   -0.566  1.760   1.00 30.70  ? 18  DA  B N9    1 
ATOM   366 C  C8    . DA  B 1 6  ? 5.307   -1.611  0.921   1.00 30.84  ? 18  DA  B C8    1 
ATOM   367 N  N7    . DA  B 1 6  ? 4.572   -1.635  -0.157  1.00 31.51  ? 18  DA  B N7    1 
ATOM   368 C  C5    . DA  B 1 6  ? 3.729   -0.546  -0.004  1.00 30.28  ? 18  DA  B C5    1 
ATOM   369 C  C6    . DA  B 1 6  ? 2.722   -0.023  -0.811  1.00 28.77  ? 18  DA  B C6    1 
ATOM   370 N  N6    . DA  B 1 6  ? 2.371   -0.550  -1.978  1.00 28.21  ? 18  DA  B N6    1 
ATOM   371 N  N1    . DA  B 1 6  ? 2.063   1.063   -0.362  1.00 32.35  ? 18  DA  B N1    1 
ATOM   372 C  C2    . DA  B 1 6  ? 2.432   1.600   0.801   1.00 26.64  ? 18  DA  B C2    1 
ATOM   373 N  N3    . DA  B 1 6  ? 3.387   1.223   1.623   1.00 27.04  ? 18  DA  B N3    1 
ATOM   374 C  C4    . DA  B 1 6  ? 4.000   0.123   1.167   1.00 26.97  ? 18  DA  B C4    1 
ATOM   375 P  P     . DT  B 1 7  ? 6.142   -1.349  7.069   1.00 43.94  ? 19  DT  B P     1 
ATOM   376 O  OP1   . DT  B 1 7  ? 6.648   -0.730  8.297   1.00 49.34  ? 19  DT  B OP1   1 
ATOM   377 O  OP2   . DT  B 1 7  ? 6.033   -2.803  6.832   1.00 44.24  ? 19  DT  B OP2   1 
ATOM   378 O  "O5'" . DT  B 1 7  ? 4.704   -0.725  7.103   1.00 45.05  ? 19  DT  B "O5'" 1 
ATOM   379 C  "C5'" . DT  B 1 7  ? 4.541   0.695   7.150   1.00 42.21  ? 19  DT  B "C5'" 1 
ATOM   380 C  "C4'" . DT  B 1 7  ? 3.122   0.948   6.697   1.00 39.54  ? 19  DT  B "C4'" 1 
ATOM   381 O  "O4'" . DT  B 1 7  ? 2.938   0.435   5.365   1.00 38.07  ? 19  DT  B "O4'" 1 
ATOM   382 C  "C3'" . DT  B 1 7  ? 2.158   0.155   7.554   1.00 41.42  ? 19  DT  B "C3'" 1 
ATOM   383 O  "O3'" . DT  B 1 7  ? 1.352   1.121   8.156   1.00 41.84  ? 19  DT  B "O3'" 1 
ATOM   384 C  "C2'" . DT  B 1 7  ? 1.468   -0.792  6.585   1.00 41.15  ? 19  DT  B "C2'" 1 
ATOM   385 C  "C1'" . DT  B 1 7  ? 1.640   -0.104  5.272   1.00 37.02  ? 19  DT  B "C1'" 1 
ATOM   386 N  N1    . DT  B 1 7  ? 1.538   -0.933  4.025   1.00 33.42  ? 19  DT  B N1    1 
ATOM   387 C  C2    . DT  B 1 7  ? 0.629   -0.514  3.074   1.00 30.82  ? 19  DT  B C2    1 
ATOM   388 O  O2    . DT  B 1 7  ? -0.059  0.470   3.202   1.00 34.09  ? 19  DT  B O2    1 
ATOM   389 N  N3    . DT  B 1 7  ? 0.586   -1.271  1.935   1.00 29.92  ? 19  DT  B N3    1 
ATOM   390 C  C4    . DT  B 1 7  ? 1.312   -2.401  1.671   1.00 30.50  ? 19  DT  B C4    1 
ATOM   391 O  O4    . DT  B 1 7  ? 1.145   -2.982  0.613   1.00 34.34  ? 19  DT  B O4    1 
ATOM   392 C  C5    . DT  B 1 7  ? 2.218   -2.823  2.725   1.00 32.51  ? 19  DT  B C5    1 
ATOM   393 C  C7    . DT  B 1 7  ? 3.046   -4.056  2.522   1.00 32.97  ? 19  DT  B C7    1 
ATOM   394 C  C6    . DT  B 1 7  ? 2.274   -2.081  3.842   1.00 33.27  ? 19  DT  B C6    1 
ATOM   395 P  P     . DT  B 1 8  ? 0.325   0.718   9.216   1.00 44.77  ? 20  DT  B P     1 
ATOM   396 O  OP1   . DT  B 1 8  ? 0.394   1.717   10.276  1.00 53.21  ? 20  DT  B OP1   1 
ATOM   397 O  OP2   . DT  B 1 8  ? 0.446   -0.696  9.504   1.00 39.03  ? 20  DT  B OP2   1 
ATOM   398 O  "O5'" . DT  B 1 8  ? -1.060  0.858   8.456   1.00 46.24  ? 20  DT  B "O5'" 1 
ATOM   399 C  "C5'" . DT  B 1 8  ? -1.488  2.065   7.820   1.00 40.08  ? 20  DT  B "C5'" 1 
ATOM   400 C  "C4'" . DT  B 1 8  ? -2.625  1.723   6.894   1.00 38.91  ? 20  DT  B "C4'" 1 
ATOM   401 O  "O4'" . DT  B 1 8  ? -2.176  0.760   5.936   1.00 36.34  ? 20  DT  B "O4'" 1 
ATOM   402 C  "C3'" . DT  B 1 8  ? -3.837  1.088   7.572   1.00 42.94  ? 20  DT  B "C3'" 1 
ATOM   403 O  "O3'" . DT  B 1 8  ? -4.986  1.881   7.279   1.00 47.74  ? 20  DT  B "O3'" 1 
ATOM   404 C  "C2'" . DT  B 1 8  ? -3.953  -0.276  6.923   1.00 41.35  ? 20  DT  B "C2'" 1 
ATOM   405 C  "C1'" . DT  B 1 8  ? -3.263  -0.058  5.619   1.00 36.82  ? 20  DT  B "C1'" 1 
ATOM   406 N  N1    . DT  B 1 8  ? -2.746  -1.267  4.974   1.00 36.96  ? 20  DT  B N1    1 
ATOM   407 C  C2    . DT  B 1 8  ? -3.207  -1.551  3.709   1.00 32.67  ? 20  DT  B C2    1 
ATOM   408 O  O2    . DT  B 1 8  ? -4.034  -0.876  3.141   1.00 37.74  ? 20  DT  B O2    1 
ATOM   409 N  N3    . DT  B 1 8  ? -2.694  -2.683  3.147   1.00 32.82  ? 20  DT  B N3    1 
ATOM   410 C  C4    . DT  B 1 8  ? -1.784  -3.547  3.710   1.00 35.05  ? 20  DT  B C4    1 
ATOM   411 O  O4    . DT  B 1 8  ? -1.396  -4.510  3.071   1.00 44.12  ? 20  DT  B O4    1 
ATOM   412 C  C5    . DT  B 1 8  ? -1.342  -3.200  5.047   1.00 35.45  ? 20  DT  B C5    1 
ATOM   413 C  C7    . DT  B 1 8  ? -0.361  -4.090  5.740   1.00 33.65  ? 20  DT  B C7    1 
ATOM   414 C  C6    . DT  B 1 8  ? -1.838  -2.088  5.605   1.00 37.42  ? 20  DT  B C6    1 
ATOM   415 P  P     . DC  B 1 9  ? -6.219  1.833   8.162   1.00 41.27  ? 21  DC  B P     1 
ATOM   416 O  OP1   . DC  B 1 9  ? -6.550  3.231   8.443   1.00 40.31  ? 21  DC  B OP1   1 
ATOM   417 O  OP2   . DC  B 1 9  ? -5.998  0.840   9.214   1.00 42.23  ? 21  DC  B OP2   1 
ATOM   418 O  "O5'" . DC  B 1 9  ? -7.273  1.215   7.187   1.00 39.70  ? 21  DC  B "O5'" 1 
ATOM   419 C  "C5'" . DC  B 1 9  ? -7.478  1.795   5.930   1.00 38.89  ? 21  DC  B "C5'" 1 
ATOM   420 C  "C4'" . DC  B 1 9  ? -8.280  0.857   5.067   1.00 39.95  ? 21  DC  B "C4'" 1 
ATOM   421 O  "O4'" . DC  B 1 9  ? -7.435  -0.198  4.581   1.00 38.31  ? 21  DC  B "O4'" 1 
ATOM   422 C  "C3'" . DC  B 1 9  ? -9.476  0.178   5.719   1.00 40.07  ? 21  DC  B "C3'" 1 
ATOM   423 O  "O3'" . DC  B 1 9  ? -10.563 0.580   4.902   1.00 46.51  ? 21  DC  B "O3'" 1 
ATOM   424 C  "C2'" . DC  B 1 9  ? -9.178  -1.306  5.573   1.00 38.23  ? 21  DC  B "C2'" 1 
ATOM   425 C  "C1'" . DC  B 1 9  ? -8.168  -1.371  4.459   1.00 32.74  ? 21  DC  B "C1'" 1 
ATOM   426 N  N1    . DC  B 1 9  ? -7.211  -2.453  4.568   1.00 32.75  ? 21  DC  B N1    1 
ATOM   427 C  C2    . DC  B 1 9  ? -6.986  -3.281  3.475   1.00 31.56  ? 21  DC  B C2    1 
ATOM   428 O  O2    . DC  B 1 9  ? -7.683  -3.143  2.471   1.00 35.17  ? 21  DC  B O2    1 
ATOM   429 N  N3    . DC  B 1 9  ? -6.061  -4.257  3.565   1.00 32.90  ? 21  DC  B N3    1 
ATOM   430 C  C4    . DC  B 1 9  ? -5.365  -4.409  4.690   1.00 32.18  ? 21  DC  B C4    1 
ATOM   431 N  N4    . DC  B 1 9  ? -4.473  -5.387  4.742   1.00 35.37  ? 21  DC  B N4    1 
ATOM   432 C  C5    . DC  B 1 9  ? -5.547  -3.553  5.807   1.00 31.83  ? 21  DC  B C5    1 
ATOM   433 C  C6    . DC  B 1 9  ? -6.466  -2.592  5.701   1.00 30.62  ? 21  DC  B C6    1 
ATOM   434 P  P     . DG  B 1 10 ? -11.977 0.622   5.414   1.00 47.23  ? 22  DG  B P     1 
ATOM   435 O  OP1   . DG  B 1 10 ? -12.605 1.792   4.787   1.00 44.14  ? 22  DG  B OP1   1 
ATOM   436 O  OP2   . DG  B 1 10 ? -11.962 0.365   6.855   1.00 48.66  ? 22  DG  B OP2   1 
ATOM   437 O  "O5'" . DG  B 1 10 ? -12.625 -0.644  4.713   1.00 52.23  ? 22  DG  B "O5'" 1 
ATOM   438 C  "C5'" . DG  B 1 10 ? -12.478 -0.820  3.295   1.00 48.28  ? 22  DG  B "C5'" 1 
ATOM   439 C  "C4'" . DG  B 1 10 ? -12.791 -2.247  2.936   1.00 42.29  ? 22  DG  B "C4'" 1 
ATOM   440 O  "O4'" . DG  B 1 10 ? -11.636 -3.063  3.179   1.00 43.08  ? 22  DG  B "O4'" 1 
ATOM   441 C  "C3'" . DG  B 1 10 ? -13.896 -2.874  3.771   1.00 40.36  ? 22  DG  B "C3'" 1 
ATOM   442 O  "O3'" . DG  B 1 10 ? -14.533 -3.751  2.864   1.00 41.77  ? 22  DG  B "O3'" 1 
ATOM   443 C  "C2'" . DG  B 1 10 ? -13.124 -3.593  4.853   1.00 38.51  ? 22  DG  B "C2'" 1 
ATOM   444 C  "C1'" . DG  B 1 10 ? -12.039 -4.150  3.984   1.00 40.15  ? 22  DG  B "C1'" 1 
ATOM   445 N  N9    . DG  B 1 10 ? -10.846 -4.721  4.596   1.00 36.75  ? 22  DG  B N9    1 
ATOM   446 C  C8    . DG  B 1 10 ? -10.338 -4.520  5.857   1.00 35.11  ? 22  DG  B C8    1 
ATOM   447 N  N7    . DG  B 1 10 ? -9.229  -5.175  6.069   1.00 35.51  ? 22  DG  B N7    1 
ATOM   448 C  C5    . DG  B 1 10 ? -9.005  -5.866  4.880   1.00 33.40  ? 22  DG  B C5    1 
ATOM   449 C  C6    . DG  B 1 10 ? -7.937  -6.708  4.491   1.00 31.09  ? 22  DG  B C6    1 
ATOM   450 O  O6    . DG  B 1 10 ? -6.943  -7.039  5.137   1.00 33.45  ? 22  DG  B O6    1 
ATOM   451 N  N1    . DG  B 1 10 ? -8.097  -7.165  3.193   1.00 30.32  ? 22  DG  B N1    1 
ATOM   452 C  C2    . DG  B 1 10 ? -9.130  -6.840  2.366   1.00 27.05  ? 22  DG  B C2    1 
ATOM   453 N  N2    . DG  B 1 10 ? -9.090  -7.364  1.146   1.00 28.71  ? 22  DG  B N2    1 
ATOM   454 N  N3    . DG  B 1 10 ? -10.109 -6.036  2.697   1.00 33.05  ? 22  DG  B N3    1 
ATOM   455 C  C4    . DG  B 1 10 ? -9.991  -5.592  3.965   1.00 34.49  ? 22  DG  B C4    1 
ATOM   456 P  P     . DC  B 1 11 ? -16.056 -3.782  2.756   1.00 44.98  ? 23  DC  B P     1 
ATOM   457 O  OP1   . DC  B 1 11 ? -16.548 -2.423  2.459   1.00 49.20  ? 23  DC  B OP1   1 
ATOM   458 O  OP2   . DC  B 1 11 ? -16.562 -4.578  3.872   1.00 40.81  ? 23  DC  B OP2   1 
ATOM   459 O  "O5'" . DC  B 1 11 ? -16.333 -4.461  1.340   1.00 52.08  ? 23  DC  B "O5'" 1 
ATOM   460 C  "C5'" . DC  B 1 11 ? -15.421 -4.364  0.220   1.00 52.36  ? 23  DC  B "C5'" 1 
ATOM   461 C  "C4'" . DC  B 1 11 ? -15.105 -5.729  -0.368  1.00 50.54  ? 23  DC  B "C4'" 1 
ATOM   462 O  "O4'" . DC  B 1 11 ? -13.779 -6.165  0.048   1.00 47.09  ? 23  DC  B "O4'" 1 
ATOM   463 C  "C3'" . DC  B 1 11 ? -16.057 -6.875  -0.022  1.00 46.30  ? 23  DC  B "C3'" 1 
ATOM   464 O  "O3'" . DC  B 1 11 ? -17.051 -7.024  -1.026  1.00 47.27  ? 23  DC  B "O3'" 1 
ATOM   465 C  "C2'" . DC  B 1 11 ? -15.152 -8.087  -0.022  1.00 46.42  ? 23  DC  B "C2'" 1 
ATOM   466 C  "C1'" . DC  B 1 11 ? -13.780 -7.551  0.355   1.00 43.76  ? 23  DC  B "C1'" 1 
ATOM   467 N  N1    . DC  B 1 11 ? -13.382 -7.709  1.769   1.00 39.23  ? 23  DC  B N1    1 
ATOM   468 C  C2    . DC  B 1 11 ? -12.397 -8.624  2.060   1.00 33.24  ? 23  DC  B C2    1 
ATOM   469 O  O2    . DC  B 1 11 ? -11.913 -9.282  1.143   1.00 40.88  ? 23  DC  B O2    1 
ATOM   470 N  N3    . DC  B 1 11 ? -11.977 -8.763  3.330   1.00 34.32  ? 23  DC  B N3    1 
ATOM   471 C  C4    . DC  B 1 11 ? -12.533 -8.039  4.298   1.00 35.23  ? 23  DC  B C4    1 
ATOM   472 N  N4    . DC  B 1 11 ? -12.091 -8.214  5.536   1.00 35.36  ? 23  DC  B N4    1 
ATOM   473 C  C5    . DC  B 1 11 ? -13.575 -7.117  4.038   1.00 36.62  ? 23  DC  B C5    1 
ATOM   474 C  C6    . DC  B 1 11 ? -13.948 -6.963  2.765   1.00 41.84  ? 23  DC  B C6    1 
ATOM   475 P  P     . DG  B 1 12 ? -17.946 -8.357  -1.139  1.00 55.55  ? 24  DG  B P     1 
ATOM   476 O  OP1   . DG  B 1 12 ? -19.038 -8.106  -2.103  1.00 57.75  ? 24  DG  B OP1   1 
ATOM   477 O  OP2   . DG  B 1 12 ? -18.295 -8.861  0.216   1.00 44.57  ? 24  DG  B OP2   1 
ATOM   478 O  "O5'" . DG  B 1 12 ? -16.999 -9.342  -1.945  1.00 55.74  ? 24  DG  B "O5'" 1 
ATOM   479 C  "C5'" . DG  B 1 12 ? -17.117 -10.708 -1.623  1.00 54.39  ? 24  DG  B "C5'" 1 
ATOM   480 C  "C4'" . DG  B 1 12 ? -15.818 -11.420 -1.882  1.00 54.83  ? 24  DG  B "C4'" 1 
ATOM   481 O  "O4'" . DG  B 1 12 ? -14.878 -11.251 -0.803  1.00 47.58  ? 24  DG  B "O4'" 1 
ATOM   482 C  "C3'" . DG  B 1 12 ? -16.039 -12.907 -1.912  1.00 59.26  ? 24  DG  B "C3'" 1 
ATOM   483 O  "O3'" . DG  B 1 12 ? -14.912 -13.311 -2.727  1.00 74.40  ? 24  DG  B "O3'" 1 
ATOM   484 C  "C2'" . DG  B 1 12 ? -16.096 -13.211 -0.421  1.00 51.17  ? 24  DG  B "C2'" 1 
ATOM   485 C  "C1'" . DG  B 1 12 ? -14.924 -12.379 0.066   1.00 45.44  ? 24  DG  B "C1'" 1 
ATOM   486 N  N9    . DG  B 1 12 ? -14.971 -11.878 1.435   1.00 41.39  ? 24  DG  B N9    1 
ATOM   487 C  C8    . DG  B 1 12 ? -15.892 -10.994 1.933   1.00 37.85  ? 24  DG  B C8    1 
ATOM   488 N  N7    . DG  B 1 12 ? -15.660 -10.661 3.171   1.00 35.37  ? 24  DG  B N7    1 
ATOM   489 C  C5    . DG  B 1 12 ? -14.502 -11.345 3.500   1.00 33.33  ? 24  DG  B C5    1 
ATOM   490 C  C6    . DG  B 1 12 ? -13.763 -11.342 4.683   1.00 33.20  ? 24  DG  B C6    1 
ATOM   491 O  O6    . DG  B 1 12 ? -14.000 -10.732 5.732   1.00 43.91  ? 24  DG  B O6    1 
ATOM   492 N  N1    . DG  B 1 12 ? -12.662 -12.183 4.601   1.00 30.05  ? 24  DG  B N1    1 
ATOM   493 C  C2    . DG  B 1 12 ? -12.314 -12.910 3.506   1.00 30.39  ? 24  DG  B C2    1 
ATOM   494 N  N2    . DG  B 1 12 ? -11.214 -13.637 3.614   1.00 34.09  ? 24  DG  B N2    1 
ATOM   495 N  N3    . DG  B 1 12 ? -12.972 -12.885 2.370   1.00 34.34  ? 24  DG  B N3    1 
ATOM   496 C  C4    . DG  B 1 12 ? -14.059 -12.097 2.441   1.00 34.78  ? 24  DG  B C4    1 
HETATM 497 MG MG    . MG  C 2 .  ? -6.634  -8.543  9.147   1.00 31.80  ? 101 MG  A MG    1 
HETATM 498 O  O1    . HT  D 3 .  ? 4.754   4.069   5.228   1.00 48.62  ? 102 HT  A O1    1 
HETATM 499 C  C1    . HT  D 3 .  ? 3.342   4.166   5.195   1.00 47.39  ? 102 HT  A C1    1 
HETATM 500 C  C4    . HT  D 3 .  ? 0.493   4.257   4.928   1.00 37.64  ? 102 HT  A C4    1 
HETATM 501 C  C2    . HT  D 3 .  ? 2.482   5.047   5.981   1.00 44.94  ? 102 HT  A C2    1 
HETATM 502 C  C3    . HT  D 3 .  ? 1.079   5.106   5.874   1.00 38.99  ? 102 HT  A C3    1 
HETATM 503 C  C6    . HT  D 3 .  ? 2.643   3.334   4.281   1.00 48.29  ? 102 HT  A C6    1 
HETATM 504 C  C5    . HT  D 3 .  ? 1.267   3.378   4.158   1.00 43.11  ? 102 HT  A C5    1 
HETATM 505 C  C7    . HT  D 3 .  ? -0.907  4.201   4.692   1.00 35.59  ? 102 HT  A C7    1 
HETATM 506 N  N1    . HT  D 3 .  ? -1.470  3.389   3.815   1.00 39.89  ? 102 HT  A N1    1 
HETATM 507 C  C8    . HT  D 3 .  ? -2.799  3.545   3.818   1.00 37.20  ? 102 HT  A C8    1 
HETATM 508 C  C9    . HT  D 3 .  ? -3.067  4.561   4.793   1.00 39.25  ? 102 HT  A C9    1 
HETATM 509 N  N2    . HT  D 3 .  ? -1.834  4.912   5.270   1.00 43.75  ? 102 HT  A N2    1 
HETATM 510 C  C10   . HT  D 3 .  ? -4.390  4.926   5.044   1.00 36.18  ? 102 HT  A C10   1 
HETATM 511 C  C11   . HT  D 3 .  ? -5.404  4.339   4.314   1.00 38.05  ? 102 HT  A C11   1 
HETATM 512 C  C12   . HT  D 3 .  ? -5.139  3.326   3.373   1.00 38.46  ? 102 HT  A C12   1 
HETATM 513 C  C13   . HT  D 3 .  ? -3.850  2.951   3.151   1.00 37.13  ? 102 HT  A C13   1 
HETATM 514 C  C14   . HT  D 3 .  ? -6.139  2.699   2.651   1.00 40.22  ? 102 HT  A C14   1 
HETATM 515 N  N3    . HT  D 3 .  ? -5.943  1.646   1.734   1.00 44.36  ? 102 HT  A N3    1 
HETATM 516 C  C15   . HT  D 3 .  ? -7.178  1.274   1.257   1.00 47.01  ? 102 HT  A C15   1 
HETATM 517 C  C16   . HT  D 3 .  ? -8.198  2.216   1.951   1.00 48.90  ? 102 HT  A C16   1 
HETATM 518 N  N4    . HT  D 3 .  ? -7.488  3.035   2.782   1.00 49.22  ? 102 HT  A N4    1 
HETATM 519 C  C17   . HT  D 3 .  ? -9.552  2.119   1.657   1.00 49.29  ? 102 HT  A C17   1 
HETATM 520 C  C18   . HT  D 3 .  ? -9.954  1.173   0.721   1.00 51.83  ? 102 HT  A C18   1 
HETATM 521 C  C19   . HT  D 3 .  ? -9.028  0.274   0.052   1.00 53.52  ? 102 HT  A C19   1 
HETATM 522 C  C20   . HT  D 3 .  ? -7.646  0.317   0.327   1.00 44.33  ? 102 HT  A C20   1 
HETATM 523 N  N5    . HT  D 3 .  ? -9.710  -0.696  -0.747  1.00 63.94  ? 102 HT  A N5    1 
HETATM 524 C  C21   . HT  D 3 .  ? -10.526 -1.526  0.255   1.00 60.08  ? 102 HT  A C21   1 
HETATM 525 C  C22   . HT  D 3 .  ? -11.331 -2.698  -0.353  1.00 60.87  ? 102 HT  A C22   1 
HETATM 526 N  N6    . HT  D 3 .  ? -10.516 -3.533  -1.261  1.00 65.01  ? 102 HT  A N6    1 
HETATM 527 C  C23   . HT  D 3 .  ? -9.715  -2.721  -2.213  1.00 59.90  ? 102 HT  A C23   1 
HETATM 528 C  C24   . HT  D 3 .  ? -8.851  -1.699  -1.436  1.00 63.28  ? 102 HT  A C24   1 
HETATM 529 C  C25   . HT  D 3 .  ? -11.425 -4.464  -1.972  1.00 69.00  ? 102 HT  A C25   1 
HETATM 530 O  O     . HOH E 4 .  ? 1.845   10.652  -5.154  1.00 81.62  ? 201 HOH A O     1 
HETATM 531 O  O     . HOH E 4 .  ? -0.123  -4.767  -4.513  1.00 56.62  ? 202 HOH A O     1 
HETATM 532 O  O     . HOH E 4 .  ? -5.721  -10.043 8.216   1.00 35.01  ? 203 HOH A O     1 
HETATM 533 O  O     . HOH E 4 .  ? -1.403  -7.976  3.278   1.00 34.76  ? 204 HOH A O     1 
HETATM 534 O  O     . HOH E 4 .  ? -1.042  -10.175 0.194   1.00 47.29  ? 205 HOH A O     1 
HETATM 535 O  O     . HOH E 4 .  ? -0.248  -11.700 -1.052  1.00 50.90  ? 206 HOH A O     1 
HETATM 536 O  O     . HOH E 4 .  ? -0.532  -9.859  -3.867  1.00 55.85  ? 207 HOH A O     1 
HETATM 537 O  O     . HOH E 4 .  ? -1.508  -12.307 4.808   1.00 48.74  ? 208 HOH A O     1 
HETATM 538 O  O     . HOH E 4 .  ? -1.473  -1.400  -5.695  1.00 52.58  ? 209 HOH A O     1 
HETATM 539 O  O     . HOH E 4 .  ? -10.715 -8.485  9.586   1.00 47.01  ? 210 HOH A O     1 
HETATM 540 O  O     . HOH E 4 .  ? -6.552  -15.329 -6.951  1.00 42.97  ? 211 HOH A O     1 
HETATM 541 O  O     . HOH E 4 .  ? -2.874  -13.460 6.669   1.00 63.64  ? 212 HOH A O     1 
HETATM 542 O  O     . HOH E 4 .  ? -10.890 -15.341 9.834   1.00 40.58  ? 213 HOH A O     1 
HETATM 543 O  O     . HOH E 4 .  ? -7.934  -5.354  -2.115  1.00 45.13  ? 214 HOH A O     1 
HETATM 544 O  O     . HOH E 4 .  ? 1.461   -6.581  6.203   1.00 80.32  ? 215 HOH A O     1 
HETATM 545 O  O     . HOH E 4 .  ? -1.092  -12.447 2.057   1.00 42.61  ? 216 HOH A O     1 
HETATM 546 O  O     . HOH E 4 .  ? -2.006  -15.984 -3.487  1.00 42.38  ? 217 HOH A O     1 
HETATM 547 O  O     . HOH E 4 .  ? -4.281  5.521   -5.019  1.00 56.06  ? 218 HOH A O     1 
HETATM 548 O  O     . HOH E 4 .  ? 1.475   8.166   8.587   1.00 61.82  ? 219 HOH A O     1 
HETATM 549 O  O     . HOH E 4 .  ? 13.204  13.138  3.023   1.00 39.99  ? 220 HOH A O     1 
HETATM 550 O  O     . HOH E 4 .  ? -4.602  4.741   -7.159  1.00 46.89  ? 221 HOH A O     1 
HETATM 551 O  O     . HOH E 4 .  ? -4.022  -12.404 9.137   1.00 37.50  ? 222 HOH A O     1 
HETATM 552 O  O     . HOH E 4 .  ? 13.919  7.303   8.596   1.00 49.85  ? 223 HOH A O     1 
HETATM 553 O  O     . HOH E 4 .  ? 17.941  3.120   -1.076  1.00 45.11  ? 224 HOH A O     1 
HETATM 554 O  O     . HOH E 4 .  ? -2.372  9.246   -1.182  1.00 75.67  ? 225 HOH A O     1 
HETATM 555 O  O     . HOH E 4 .  ? -10.126 -14.257 12.307  1.00 47.94  ? 226 HOH A O     1 
HETATM 556 O  O     . HOH E 4 .  ? -12.408 -0.434  -4.903  1.00 45.47  ? 227 HOH A O     1 
HETATM 557 O  O     . HOH E 4 .  ? -5.097  -15.118 -6.155  1.00 44.39  ? 228 HOH A O     1 
HETATM 558 O  O     . HOH E 4 .  ? -2.431  -9.904  10.255  1.00 40.00  ? 229 HOH A O     1 
HETATM 559 O  O     . HOH E 4 .  ? 1.218   -9.189  4.449   1.00 41.32  ? 230 HOH A O     1 
HETATM 560 O  O     . HOH E 4 .  ? -4.869  -8.492  10.162  1.00 44.36  ? 231 HOH A O     1 
HETATM 561 O  O     . HOH E 4 .  ? -8.408  -8.843  8.042   1.00 41.54  ? 232 HOH A O     1 
HETATM 562 O  O     . HOH E 4 .  ? -7.713  -9.723  10.541  1.00 42.47  ? 233 HOH A O     1 
HETATM 563 O  O     . HOH E 4 .  ? -7.696  -7.005  9.959   1.00 39.19  ? 234 HOH A O     1 
HETATM 564 O  O     . HOH E 4 .  ? 12.720  16.179  0.846   1.00 44.36  ? 235 HOH A O     1 
HETATM 565 O  O     . HOH E 4 .  ? 3.890   10.593  10.742  1.00 56.78  ? 236 HOH A O     1 
HETATM 566 O  O     . HOH E 4 .  ? -7.028  -0.630  -10.092 1.00 51.75  ? 237 HOH A O     1 
HETATM 567 O  O     . HOH E 4 .  ? 4.378   12.380  7.941   1.00 48.03  ? 238 HOH A O     1 
HETATM 568 O  O     . HOH E 4 .  ? 2.451   9.809   11.385  1.00 52.37  ? 239 HOH A O     1 
HETATM 569 O  O     . HOH E 4 .  ? 6.091   10.529  9.380   1.00 54.97  ? 240 HOH A O     1 
HETATM 570 O  O     . HOH F 4 .  ? -16.477 0.246   2.504   1.00 50.70  ? 201 HOH B O     1 
HETATM 571 O  O     . HOH F 4 .  ? 7.249   16.674  -4.993  1.00 39.14  ? 202 HOH B O     1 
HETATM 572 O  O     . HOH F 4 .  ? 7.114   20.424  -6.967  1.00 59.77  ? 203 HOH B O     1 
HETATM 573 O  O     . HOH F 4 .  ? 5.818   12.458  -5.192  1.00 37.82  ? 204 HOH B O     1 
HETATM 574 O  O     . HOH F 4 .  ? 4.412   -6.419  -8.617  1.00 41.00  ? 205 HOH B O     1 
HETATM 575 O  O     . HOH F 4 .  ? 7.129   -2.495  -8.474  1.00 45.81  ? 206 HOH B O     1 
HETATM 576 O  O     . HOH F 4 .  ? -16.424 -5.414  6.899   1.00 48.99  ? 207 HOH B O     1 
HETATM 577 O  O     . HOH F 4 .  ? -7.634  -4.550  8.685   1.00 35.08  ? 208 HOH B O     1 
HETATM 578 O  O     . HOH F 4 .  ? -3.348  -5.902  7.529   1.00 40.79  ? 209 HOH B O     1 
HETATM 579 O  O     . HOH F 4 .  ? 5.625   -5.558  4.739   1.00 49.10  ? 210 HOH B O     1 
HETATM 580 O  O     . HOH F 4 .  ? -2.088  -8.420  7.335   1.00 42.86  ? 211 HOH B O     1 
HETATM 581 O  O     . HOH F 4 .  ? -9.057  3.692   11.240  1.00 49.99  ? 212 HOH B O     1 
HETATM 582 O  O     . HOH F 4 .  ? 1.644   3.244   -9.336  1.00 53.78  ? 213 HOH B O     1 
HETATM 583 O  O     . HOH F 4 .  ? 4.804   9.195   -10.127 1.00 41.58  ? 214 HOH B O     1 
HETATM 584 O  O     . HOH F 4 .  ? 8.284   13.482  -3.162  1.00 58.72  ? 215 HOH B O     1 
HETATM 585 O  O     . HOH F 4 .  ? -20.981 -5.072  0.021   1.00 42.84  ? 216 HOH B O     1 
HETATM 586 O  O     . HOH F 4 .  ? 3.251   -3.910  6.940   1.00 45.12  ? 217 HOH B O     1 
HETATM 587 O  O     . HOH F 4 .  ? 12.694  -5.246  -1.341  1.00 50.53  ? 218 HOH B O     1 
HETATM 588 O  O     . HOH F 4 .  ? -17.317 -8.677  4.222   1.00 40.07  ? 219 HOH B O     1 
HETATM 589 O  O     . HOH F 4 .  ? 7.204   2.995   -14.829 1.00 36.99  ? 220 HOH B O     1 
HETATM 590 O  O     . HOH F 4 .  ? 3.017   -1.804  -10.319 1.00 58.31  ? 221 HOH B O     1 
HETATM 591 O  O     . HOH F 4 .  ? 8.734   15.019  -13.298 1.00 44.78  ? 222 HOH B O     1 
HETATM 592 O  O     . HOH F 4 .  ? 3.602   15.767  -7.302  1.00 55.06  ? 223 HOH B O     1 
HETATM 593 O  O     . HOH F 4 .  ? -4.744  -4.774  9.431   1.00 61.92  ? 224 HOH B O     1 
HETATM 594 O  O     . HOH F 4 .  ? 0.388   0.720   -5.702  1.00 39.65  ? 225 HOH B O     1 
HETATM 595 O  O     . HOH F 4 .  ? 3.905   16.969  -9.886  1.00 70.72  ? 226 HOH B O     1 
HETATM 596 O  O     . HOH F 4 .  ? -19.102 -2.377  -0.596  1.00 53.72  ? 227 HOH B O     1 
HETATM 597 O  O     . HOH F 4 .  ? 7.597   1.384   8.078   1.00 67.57  ? 228 HOH B O     1 
HETATM 598 O  O     . HOH F 4 .  ? -12.528 -11.571 -1.689  1.00 51.11  ? 229 HOH B O     1 
HETATM 599 O  O     . HOH F 4 .  ? 14.764  16.204  -3.313  1.00 43.85  ? 230 HOH B O     1 
HETATM 600 O  O     . HOH F 4 .  ? 7.840   -7.602  5.715   1.00 52.52  ? 231 HOH B O     1 
HETATM 601 O  O     . HOH F 4 .  ? -21.402 -8.777  -4.287  1.00 50.15  ? 232 HOH B O     1 
HETATM 602 O  O     . HOH F 4 .  ? 5.509   2.879   -12.931 1.00 48.86  ? 233 HOH B O     1 
HETATM 603 O  O     . HOH F 4 .  ? 2.895   11.576  -12.251 1.00 42.75  ? 234 HOH B O     1 
HETATM 604 O  O     . HOH F 4 .  ? -1.061  2.285   -8.709  1.00 44.72  ? 235 HOH B O     1 
HETATM 605 O  O     . HOH F 4 .  ? 3.133   6.672   -6.376  1.00 36.72  ? 236 HOH B O     1 
HETATM 606 O  O     . HOH F 4 .  ? 6.433   -4.524  1.811   1.00 29.41  ? 237 HOH B O     1 
HETATM 607 O  O     . HOH F 4 .  ? -5.709  -7.048  7.908   1.00 45.66  ? 238 HOH B O     1 
HETATM 608 O  O     . HOH F 4 .  ? -19.187 -9.357  2.211   1.00 42.18  ? 239 HOH B O     1 
HETATM 609 O  O     . HOH F 4 .  ? 5.190   12.593  -7.631  1.00 37.75  ? 240 HOH B O     1 
# 
